data_2D0S
# 
_entry.id   2D0S 
# 
_audit_conform.dict_name       mmcif_pdbx.dic 
_audit_conform.dict_version    5.397 
_audit_conform.dict_location   http://mmcif.pdb.org/dictionaries/ascii/mmcif_pdbx.dic 
# 
loop_
_database_2.database_id 
_database_2.database_code 
_database_2.pdbx_database_accession 
_database_2.pdbx_DOI 
PDB   2D0S         pdb_00002d0s 10.2210/pdb2d0s/pdb 
RCSB  RCSB024845   ?            ?                   
WWPDB D_1000024845 ?            ?                   
# 
loop_
_pdbx_audit_revision_history.ordinal 
_pdbx_audit_revision_history.data_content_type 
_pdbx_audit_revision_history.major_revision 
_pdbx_audit_revision_history.minor_revision 
_pdbx_audit_revision_history.revision_date 
1 'Structure model' 1 0 2006-05-23 
2 'Structure model' 1 1 2008-04-30 
3 'Structure model' 1 2 2011-07-13 
4 'Structure model' 1 3 2024-10-16 
# 
_pdbx_audit_revision_details.ordinal             1 
_pdbx_audit_revision_details.revision_ordinal    1 
_pdbx_audit_revision_details.data_content_type   'Structure model' 
_pdbx_audit_revision_details.provider            repository 
_pdbx_audit_revision_details.type                'Initial release' 
_pdbx_audit_revision_details.description         ? 
_pdbx_audit_revision_details.details             ? 
# 
loop_
_pdbx_audit_revision_group.ordinal 
_pdbx_audit_revision_group.revision_ordinal 
_pdbx_audit_revision_group.data_content_type 
_pdbx_audit_revision_group.group 
1 2 'Structure model' 'Version format compliance' 
2 3 'Structure model' 'Version format compliance' 
3 4 'Structure model' 'Data collection'           
4 4 'Structure model' 'Database references'       
5 4 'Structure model' 'Derived calculations'      
6 4 'Structure model' 'Structure summary'         
# 
loop_
_pdbx_audit_revision_category.ordinal 
_pdbx_audit_revision_category.revision_ordinal 
_pdbx_audit_revision_category.data_content_type 
_pdbx_audit_revision_category.category 
1 4 'Structure model' chem_comp_atom            
2 4 'Structure model' chem_comp_bond            
3 4 'Structure model' database_2                
4 4 'Structure model' pdbx_entry_details        
5 4 'Structure model' pdbx_modification_feature 
6 4 'Structure model' pdbx_struct_conn_angle    
7 4 'Structure model' struct_conn               
8 4 'Structure model' struct_conn_type          
9 4 'Structure model' struct_site               
# 
loop_
_pdbx_audit_revision_item.ordinal 
_pdbx_audit_revision_item.revision_ordinal 
_pdbx_audit_revision_item.data_content_type 
_pdbx_audit_revision_item.item 
1  4 'Structure model' '_database_2.pdbx_DOI'                        
2  4 'Structure model' '_database_2.pdbx_database_accession'         
3  4 'Structure model' '_pdbx_struct_conn_angle.ptnr1_auth_comp_id'  
4  4 'Structure model' '_pdbx_struct_conn_angle.ptnr1_auth_seq_id'   
5  4 'Structure model' '_pdbx_struct_conn_angle.ptnr1_label_atom_id' 
6  4 'Structure model' '_pdbx_struct_conn_angle.ptnr1_label_comp_id' 
7  4 'Structure model' '_pdbx_struct_conn_angle.ptnr1_label_seq_id'  
8  4 'Structure model' '_pdbx_struct_conn_angle.ptnr3_auth_comp_id'  
9  4 'Structure model' '_pdbx_struct_conn_angle.ptnr3_auth_seq_id'   
10 4 'Structure model' '_pdbx_struct_conn_angle.ptnr3_label_atom_id' 
11 4 'Structure model' '_pdbx_struct_conn_angle.ptnr3_label_comp_id' 
12 4 'Structure model' '_pdbx_struct_conn_angle.ptnr3_label_seq_id'  
13 4 'Structure model' '_pdbx_struct_conn_angle.value'               
14 4 'Structure model' '_struct_conn.conn_type_id'                   
15 4 'Structure model' '_struct_conn.id'                             
16 4 'Structure model' '_struct_conn.pdbx_dist_value'                
17 4 'Structure model' '_struct_conn.pdbx_leaving_atom_flag'         
18 4 'Structure model' '_struct_conn.ptnr1_auth_comp_id'             
19 4 'Structure model' '_struct_conn.ptnr1_auth_seq_id'              
20 4 'Structure model' '_struct_conn.ptnr1_label_asym_id'            
21 4 'Structure model' '_struct_conn.ptnr1_label_atom_id'            
22 4 'Structure model' '_struct_conn.ptnr1_label_comp_id'            
23 4 'Structure model' '_struct_conn.ptnr1_label_seq_id'             
24 4 'Structure model' '_struct_conn.ptnr2_auth_comp_id'             
25 4 'Structure model' '_struct_conn.ptnr2_auth_seq_id'              
26 4 'Structure model' '_struct_conn.ptnr2_label_asym_id'            
27 4 'Structure model' '_struct_conn.ptnr2_label_atom_id'            
28 4 'Structure model' '_struct_conn.ptnr2_label_comp_id'            
29 4 'Structure model' '_struct_conn.ptnr2_label_seq_id'             
30 4 'Structure model' '_struct_conn_type.id'                        
31 4 'Structure model' '_struct_site.pdbx_auth_asym_id'              
32 4 'Structure model' '_struct_site.pdbx_auth_comp_id'              
33 4 'Structure model' '_struct_site.pdbx_auth_seq_id'               
# 
_pdbx_database_status.status_code                     REL 
_pdbx_database_status.entry_id                        2D0S 
_pdbx_database_status.recvd_initial_deposition_date   2005-08-08 
_pdbx_database_status.deposit_site                    PDBJ 
_pdbx_database_status.process_site                    PDBJ 
_pdbx_database_status.status_code_sf                  REL 
_pdbx_database_status.status_code_mr                  ? 
_pdbx_database_status.SG_entry                        ? 
_pdbx_database_status.pdb_format_compatible           Y 
_pdbx_database_status.status_code_cs                  ? 
_pdbx_database_status.status_code_nmr_data            ? 
_pdbx_database_status.methods_development_category    ? 
# 
loop_
_audit_author.name 
_audit_author.pdbx_ordinal 
'Nakamura, S.'  1 
'Ichiki, S.I.'  2 
'Takashima, H.' 3 
'Uchiyama, S.'  4 
'Hasegawa, J.'  5 
'Kobayashi, Y.' 6 
'Sambongi, Y.'  7 
'Ohkubo, T.'    8 
# 
_citation.id                        primary 
_citation.title                     
;Structure of Cytochrome c552 from a Moderate Thermophilic Bacterium, Hydrogenophilus thermoluteolus: Comparative Study on the Thermostability of Cytochrome c
;
_citation.journal_abbrev            Biochemistry 
_citation.journal_volume            45 
_citation.page_first                6115 
_citation.page_last                 6123 
_citation.year                      2006 
_citation.journal_id_ASTM           BICHAW 
_citation.country                   US 
_citation.journal_id_ISSN           0006-2960 
_citation.journal_id_CSD            0033 
_citation.book_publisher            ? 
_citation.pdbx_database_id_PubMed   16681384 
_citation.pdbx_database_id_DOI      10.1021/bi0520131 
# 
loop_
_citation_author.citation_id 
_citation_author.name 
_citation_author.ordinal 
_citation_author.identifier_ORCID 
primary 'Nakamura, S.'  1 ? 
primary 'Ichiki, S.I.'  2 ? 
primary 'Takashima, H.' 3 ? 
primary 'Uchiyama, S.'  4 ? 
primary 'Hasegawa, J.'  5 ? 
primary 'Kobayashi, Y.' 6 ? 
primary 'Sambongi, Y.'  7 ? 
primary 'Ohkubo, T.'    8 ? 
# 
loop_
_entity.id 
_entity.type 
_entity.src_method 
_entity.pdbx_description 
_entity.formula_weight 
_entity.pdbx_number_of_molecules 
_entity.pdbx_ec 
_entity.pdbx_mutation 
_entity.pdbx_fragment 
_entity.details 
1 polymer     man 'cytochrome c' 8566.167 1  ? ? 'residues 1-79' ? 
2 non-polymer syn 'HEME C'       618.503  1  ? ? ?               ? 
3 water       nat water          18.015   31 ? ? ?               ? 
# 
_entity_name_com.entity_id   1 
_entity_name_com.name        'cytochrome C552' 
# 
_entity_poly.entity_id                      1 
_entity_poly.type                           'polypeptide(L)' 
_entity_poly.nstd_linkage                   no 
_entity_poly.nstd_monomer                   no 
_entity_poly.pdbx_seq_one_letter_code       DEALAKAKGCMACHAIDKKLVGPSYKDVAKKYTEADVPKLVEKVKKGGAGVWGPVPMPPHPQVAEADIEKIVRWVLTLK 
_entity_poly.pdbx_seq_one_letter_code_can   DEALAKAKGCMACHAIDKKLVGPSYKDVAKKYTEADVPKLVEKVKKGGAGVWGPVPMPPHPQVAEADIEKIVRWVLTLK 
_entity_poly.pdbx_strand_id                 A 
_entity_poly.pdbx_target_identifier         ? 
# 
loop_
_pdbx_entity_nonpoly.entity_id 
_pdbx_entity_nonpoly.name 
_pdbx_entity_nonpoly.comp_id 
2 'HEME C' HEC 
3 water    HOH 
# 
loop_
_entity_poly_seq.entity_id 
_entity_poly_seq.num 
_entity_poly_seq.mon_id 
_entity_poly_seq.hetero 
1 1  ASP n 
1 2  GLU n 
1 3  ALA n 
1 4  LEU n 
1 5  ALA n 
1 6  LYS n 
1 7  ALA n 
1 8  LYS n 
1 9  GLY n 
1 10 CYS n 
1 11 MET n 
1 12 ALA n 
1 13 CYS n 
1 14 HIS n 
1 15 ALA n 
1 16 ILE n 
1 17 ASP n 
1 18 LYS n 
1 19 LYS n 
1 20 LEU n 
1 21 VAL n 
1 22 GLY n 
1 23 PRO n 
1 24 SER n 
1 25 TYR n 
1 26 LYS n 
1 27 ASP n 
1 28 VAL n 
1 29 ALA n 
1 30 LYS n 
1 31 LYS n 
1 32 TYR n 
1 33 THR n 
1 34 GLU n 
1 35 ALA n 
1 36 ASP n 
1 37 VAL n 
1 38 PRO n 
1 39 LYS n 
1 40 LEU n 
1 41 VAL n 
1 42 GLU n 
1 43 LYS n 
1 44 VAL n 
1 45 LYS n 
1 46 LYS n 
1 47 GLY n 
1 48 GLY n 
1 49 ALA n 
1 50 GLY n 
1 51 VAL n 
1 52 TRP n 
1 53 GLY n 
1 54 PRO n 
1 55 VAL n 
1 56 PRO n 
1 57 MET n 
1 58 PRO n 
1 59 PRO n 
1 60 HIS n 
1 61 PRO n 
1 62 GLN n 
1 63 VAL n 
1 64 ALA n 
1 65 GLU n 
1 66 ALA n 
1 67 ASP n 
1 68 ILE n 
1 69 GLU n 
1 70 LYS n 
1 71 ILE n 
1 72 VAL n 
1 73 ARG n 
1 74 TRP n 
1 75 VAL n 
1 76 LEU n 
1 77 THR n 
1 78 LEU n 
1 79 LYS n 
# 
_entity_src_gen.entity_id                          1 
_entity_src_gen.pdbx_src_id                        1 
_entity_src_gen.pdbx_alt_source_flag               sample 
_entity_src_gen.pdbx_seq_type                      ? 
_entity_src_gen.pdbx_beg_seq_num                   ? 
_entity_src_gen.pdbx_end_seq_num                   ? 
_entity_src_gen.gene_src_common_name               ? 
_entity_src_gen.gene_src_genus                     Hydrogenophilus 
_entity_src_gen.pdbx_gene_src_gene                 ? 
_entity_src_gen.gene_src_species                   ? 
_entity_src_gen.gene_src_strain                    ? 
_entity_src_gen.gene_src_tissue                    ? 
_entity_src_gen.gene_src_tissue_fraction           ? 
_entity_src_gen.gene_src_details                   ? 
_entity_src_gen.pdbx_gene_src_fragment             ? 
_entity_src_gen.pdbx_gene_src_scientific_name      'Hydrogenophilus thermoluteolus' 
_entity_src_gen.pdbx_gene_src_ncbi_taxonomy_id     297 
_entity_src_gen.pdbx_gene_src_variant              ? 
_entity_src_gen.pdbx_gene_src_cell_line            ? 
_entity_src_gen.pdbx_gene_src_atcc                 ? 
_entity_src_gen.pdbx_gene_src_organ                ? 
_entity_src_gen.pdbx_gene_src_organelle            ? 
_entity_src_gen.pdbx_gene_src_cell                 ? 
_entity_src_gen.pdbx_gene_src_cellular_location    ? 
_entity_src_gen.host_org_common_name               ? 
_entity_src_gen.pdbx_host_org_scientific_name      'Escherichia coli' 
_entity_src_gen.pdbx_host_org_ncbi_taxonomy_id     562 
_entity_src_gen.host_org_genus                     Escherichia 
_entity_src_gen.pdbx_host_org_gene                 ? 
_entity_src_gen.pdbx_host_org_organ                ? 
_entity_src_gen.host_org_species                   ? 
_entity_src_gen.pdbx_host_org_tissue               ? 
_entity_src_gen.pdbx_host_org_tissue_fraction      ? 
_entity_src_gen.pdbx_host_org_strain               JCB387 
_entity_src_gen.pdbx_host_org_variant              ? 
_entity_src_gen.pdbx_host_org_cell_line            ? 
_entity_src_gen.pdbx_host_org_atcc                 ? 
_entity_src_gen.pdbx_host_org_culture_collection   ? 
_entity_src_gen.pdbx_host_org_cell                 ? 
_entity_src_gen.pdbx_host_org_organelle            ? 
_entity_src_gen.pdbx_host_org_cellular_location    ? 
_entity_src_gen.pdbx_host_org_vector_type          plasmid 
_entity_src_gen.pdbx_host_org_vector               ? 
_entity_src_gen.host_org_details                   ? 
_entity_src_gen.expression_system_id               ? 
_entity_src_gen.plasmid_name                       'pKK223-3, pEC86' 
_entity_src_gen.plasmid_details                    ? 
_entity_src_gen.pdbx_description                   ? 
# 
loop_
_chem_comp.id 
_chem_comp.type 
_chem_comp.mon_nstd_flag 
_chem_comp.name 
_chem_comp.pdbx_synonyms 
_chem_comp.formula 
_chem_comp.formula_weight 
ALA 'L-peptide linking' y ALANINE         ? 'C3 H7 N O2'       89.093  
ARG 'L-peptide linking' y ARGININE        ? 'C6 H15 N4 O2 1'   175.209 
ASP 'L-peptide linking' y 'ASPARTIC ACID' ? 'C4 H7 N O4'       133.103 
CYS 'L-peptide linking' y CYSTEINE        ? 'C3 H7 N O2 S'     121.158 
GLN 'L-peptide linking' y GLUTAMINE       ? 'C5 H10 N2 O3'     146.144 
GLU 'L-peptide linking' y 'GLUTAMIC ACID' ? 'C5 H9 N O4'       147.129 
GLY 'peptide linking'   y GLYCINE         ? 'C2 H5 N O2'       75.067  
HEC non-polymer         . 'HEME C'        ? 'C34 H34 Fe N4 O4' 618.503 
HIS 'L-peptide linking' y HISTIDINE       ? 'C6 H10 N3 O2 1'   156.162 
HOH non-polymer         . WATER           ? 'H2 O'             18.015  
ILE 'L-peptide linking' y ISOLEUCINE      ? 'C6 H13 N O2'      131.173 
LEU 'L-peptide linking' y LEUCINE         ? 'C6 H13 N O2'      131.173 
LYS 'L-peptide linking' y LYSINE          ? 'C6 H15 N2 O2 1'   147.195 
MET 'L-peptide linking' y METHIONINE      ? 'C5 H11 N O2 S'    149.211 
PRO 'L-peptide linking' y PROLINE         ? 'C5 H9 N O2'       115.130 
SER 'L-peptide linking' y SERINE          ? 'C3 H7 N O3'       105.093 
THR 'L-peptide linking' y THREONINE       ? 'C4 H9 N O3'       119.119 
TRP 'L-peptide linking' y TRYPTOPHAN      ? 'C11 H12 N2 O2'    204.225 
TYR 'L-peptide linking' y TYROSINE        ? 'C9 H11 N O3'      181.189 
VAL 'L-peptide linking' y VALINE          ? 'C5 H11 N O2'      117.146 
# 
loop_
_pdbx_poly_seq_scheme.asym_id 
_pdbx_poly_seq_scheme.entity_id 
_pdbx_poly_seq_scheme.seq_id 
_pdbx_poly_seq_scheme.mon_id 
_pdbx_poly_seq_scheme.ndb_seq_num 
_pdbx_poly_seq_scheme.pdb_seq_num 
_pdbx_poly_seq_scheme.auth_seq_num 
_pdbx_poly_seq_scheme.pdb_mon_id 
_pdbx_poly_seq_scheme.auth_mon_id 
_pdbx_poly_seq_scheme.pdb_strand_id 
_pdbx_poly_seq_scheme.pdb_ins_code 
_pdbx_poly_seq_scheme.hetero 
A 1 1  ASP 1  1  1  ASP ASP A . n 
A 1 2  GLU 2  2  2  GLU GLU A . n 
A 1 3  ALA 3  3  3  ALA ALA A . n 
A 1 4  LEU 4  4  4  LEU LEU A . n 
A 1 5  ALA 5  5  5  ALA ALA A . n 
A 1 6  LYS 6  6  6  LYS LYS A . n 
A 1 7  ALA 7  7  7  ALA ALA A . n 
A 1 8  LYS 8  8  8  LYS LYS A . n 
A 1 9  GLY 9  9  9  GLY GLY A . n 
A 1 10 CYS 10 10 10 CYS CYS A . n 
A 1 11 MET 11 11 11 MET MET A . n 
A 1 12 ALA 12 12 12 ALA ALA A . n 
A 1 13 CYS 13 13 13 CYS CYS A . n 
A 1 14 HIS 14 14 14 HIS HIS A . n 
A 1 15 ALA 15 15 15 ALA ALA A . n 
A 1 16 ILE 16 16 16 ILE ILE A . n 
A 1 17 ASP 17 17 17 ASP ASP A . n 
A 1 18 LYS 18 18 18 LYS LYS A . n 
A 1 19 LYS 19 19 19 LYS LYS A . n 
A 1 20 LEU 20 20 20 LEU LEU A . n 
A 1 21 VAL 21 21 21 VAL VAL A . n 
A 1 22 GLY 22 22 22 GLY GLY A . n 
A 1 23 PRO 23 23 23 PRO PRO A . n 
A 1 24 SER 24 24 24 SER SER A . n 
A 1 25 TYR 25 25 25 TYR TYR A . n 
A 1 26 LYS 26 26 26 LYS LYS A . n 
A 1 27 ASP 27 27 27 ASP ASP A . n 
A 1 28 VAL 28 28 28 VAL VAL A . n 
A 1 29 ALA 29 29 29 ALA ALA A . n 
A 1 30 LYS 30 30 30 LYS LYS A . n 
A 1 31 LYS 31 31 31 LYS LYS A . n 
A 1 32 TYR 32 32 32 TYR TYR A . n 
A 1 33 THR 33 33 33 THR THR A . n 
A 1 34 GLU 34 34 34 GLU GLU A . n 
A 1 35 ALA 35 35 35 ALA ALA A . n 
A 1 36 ASP 36 36 36 ASP ASP A . n 
A 1 37 VAL 37 37 37 VAL VAL A . n 
A 1 38 PRO 38 38 38 PRO PRO A . n 
A 1 39 LYS 39 39 39 LYS LYS A . n 
A 1 40 LEU 40 40 40 LEU LEU A . n 
A 1 41 VAL 41 41 41 VAL VAL A . n 
A 1 42 GLU 42 42 42 GLU GLU A . n 
A 1 43 LYS 43 43 43 LYS LYS A . n 
A 1 44 VAL 44 44 44 VAL VAL A . n 
A 1 45 LYS 45 45 45 LYS LYS A . n 
A 1 46 LYS 46 46 46 LYS LYS A . n 
A 1 47 GLY 47 47 47 GLY GLY A . n 
A 1 48 GLY 48 48 48 GLY GLY A . n 
A 1 49 ALA 49 49 49 ALA ALA A . n 
A 1 50 GLY 50 50 50 GLY GLY A . n 
A 1 51 VAL 51 51 51 VAL VAL A . n 
A 1 52 TRP 52 52 52 TRP TRP A . n 
A 1 53 GLY 53 53 53 GLY GLY A . n 
A 1 54 PRO 54 54 54 PRO PRO A . n 
A 1 55 VAL 55 55 55 VAL VAL A . n 
A 1 56 PRO 56 56 56 PRO PRO A . n 
A 1 57 MET 57 57 57 MET MET A . n 
A 1 58 PRO 58 58 58 PRO PRO A . n 
A 1 59 PRO 59 59 59 PRO PRO A . n 
A 1 60 HIS 60 60 60 HIS HIS A . n 
A 1 61 PRO 61 61 61 PRO PRO A . n 
A 1 62 GLN 62 62 62 GLN GLN A . n 
A 1 63 VAL 63 63 63 VAL VAL A . n 
A 1 64 ALA 64 64 64 ALA ALA A . n 
A 1 65 GLU 65 65 65 GLU GLU A . n 
A 1 66 ALA 66 66 66 ALA ALA A . n 
A 1 67 ASP 67 67 67 ASP ASP A . n 
A 1 68 ILE 68 68 68 ILE ILE A . n 
A 1 69 GLU 69 69 69 GLU GLU A . n 
A 1 70 LYS 70 70 70 LYS LYS A . n 
A 1 71 ILE 71 71 71 ILE ILE A . n 
A 1 72 VAL 72 72 72 VAL VAL A . n 
A 1 73 ARG 73 73 73 ARG ARG A . n 
A 1 74 TRP 74 74 74 TRP TRP A . n 
A 1 75 VAL 75 75 75 VAL VAL A . n 
A 1 76 LEU 76 76 76 LEU LEU A . n 
A 1 77 THR 77 77 77 THR THR A . n 
A 1 78 LEU 78 78 78 LEU LEU A . n 
A 1 79 LYS 79 79 79 LYS LYS A . n 
# 
loop_
_pdbx_nonpoly_scheme.asym_id 
_pdbx_nonpoly_scheme.entity_id 
_pdbx_nonpoly_scheme.mon_id 
_pdbx_nonpoly_scheme.ndb_seq_num 
_pdbx_nonpoly_scheme.pdb_seq_num 
_pdbx_nonpoly_scheme.auth_seq_num 
_pdbx_nonpoly_scheme.pdb_mon_id 
_pdbx_nonpoly_scheme.auth_mon_id 
_pdbx_nonpoly_scheme.pdb_strand_id 
_pdbx_nonpoly_scheme.pdb_ins_code 
B 2 HEC 1  80  80 HEC HEC A . 
C 3 HOH 1  81  1  HOH HOH A . 
C 3 HOH 2  82  2  HOH HOH A . 
C 3 HOH 3  83  3  HOH HOH A . 
C 3 HOH 4  84  4  HOH HOH A . 
C 3 HOH 5  85  5  HOH HOH A . 
C 3 HOH 6  86  6  HOH HOH A . 
C 3 HOH 7  87  7  HOH HOH A . 
C 3 HOH 8  88  8  HOH HOH A . 
C 3 HOH 9  89  9  HOH HOH A . 
C 3 HOH 10 90  10 HOH HOH A . 
C 3 HOH 11 91  11 HOH HOH A . 
C 3 HOH 12 92  12 HOH HOH A . 
C 3 HOH 13 93  13 HOH HOH A . 
C 3 HOH 14 94  14 HOH HOH A . 
C 3 HOH 15 95  15 HOH HOH A . 
C 3 HOH 16 96  16 HOH HOH A . 
C 3 HOH 17 97  17 HOH HOH A . 
C 3 HOH 18 98  18 HOH HOH A . 
C 3 HOH 19 99  19 HOH HOH A . 
C 3 HOH 20 100 20 HOH HOH A . 
C 3 HOH 21 101 21 HOH HOH A . 
C 3 HOH 22 102 22 HOH HOH A . 
C 3 HOH 23 103 23 HOH HOH A . 
C 3 HOH 24 104 24 HOH HOH A . 
C 3 HOH 25 105 25 HOH HOH A . 
C 3 HOH 26 106 26 HOH HOH A . 
C 3 HOH 27 107 27 HOH HOH A . 
C 3 HOH 28 108 28 HOH HOH A . 
C 3 HOH 29 109 29 HOH HOH A . 
C 3 HOH 30 110 30 HOH HOH A . 
C 3 HOH 31 111 31 HOH HOH A . 
# 
loop_
_software.name 
_software.classification 
_software.version 
_software.citation_id 
_software.pdbx_ordinal 
REFMAC    refinement       5.2.0005 ? 1 
DENZO     'data reduction' .        ? 2 
SCALEPACK 'data scaling'   .        ? 3 
MOLREP    phasing          .        ? 4 
# 
_cell.entry_id           2D0S 
_cell.length_a           49.250 
_cell.length_b           58.413 
_cell.length_c           56.315 
_cell.angle_alpha        90.00 
_cell.angle_beta         90.00 
_cell.angle_gamma        90.00 
_cell.Z_PDB              8 
_cell.pdbx_unique_axis   ? 
_cell.length_a_esd       ? 
_cell.length_b_esd       ? 
_cell.length_c_esd       ? 
_cell.angle_alpha_esd    ? 
_cell.angle_beta_esd     ? 
_cell.angle_gamma_esd    ? 
# 
_symmetry.entry_id                         2D0S 
_symmetry.space_group_name_H-M             'C 2 2 21' 
_symmetry.pdbx_full_space_group_name_H-M   ? 
_symmetry.cell_setting                     ? 
_symmetry.Int_Tables_number                20 
_symmetry.space_group_name_Hall            ? 
# 
_exptl.entry_id          2D0S 
_exptl.method            'X-RAY DIFFRACTION' 
_exptl.crystals_number   1 
# 
_exptl_crystal.id                    1 
_exptl_crystal.density_meas          ? 
_exptl_crystal.density_Matthews      2.2 
_exptl_crystal.density_percent_sol   43.2 
_exptl_crystal.description           ? 
_exptl_crystal.F_000                 ? 
_exptl_crystal.preparation           ? 
# 
_exptl_crystal_grow.crystal_id      1 
_exptl_crystal_grow.method          'VAPOR DIFFUSION, HANGING DROP' 
_exptl_crystal_grow.temp            277 
_exptl_crystal_grow.temp_details    ? 
_exptl_crystal_grow.pH              6.5 
_exptl_crystal_grow.pdbx_details    
'30% (w/v) polyethylene glycol 4000, 0.1M Mes, pH 6.5, VAPOR DIFFUSION, HANGING DROP, temperature 277K' 
_exptl_crystal_grow.pdbx_pH_range   . 
# 
_diffrn.id                     1 
_diffrn.ambient_temp           293 
_diffrn.ambient_temp_details   ? 
_diffrn.crystal_id             1 
# 
_diffrn_detector.diffrn_id              1 
_diffrn_detector.detector               'IMAGE PLATE' 
_diffrn_detector.type                   'RIGAKU RAXIS IV++' 
_diffrn_detector.pdbx_collection_date   2004-08-13 
_diffrn_detector.details                'confocal mirror optics' 
# 
_diffrn_radiation.diffrn_id                        1 
_diffrn_radiation.wavelength_id                    1 
_diffrn_radiation.pdbx_monochromatic_or_laue_m_l   M 
_diffrn_radiation.monochromator                    ? 
_diffrn_radiation.pdbx_diffrn_protocol             'SINGLE WAVELENGTH' 
_diffrn_radiation.pdbx_scattering_type             x-ray 
# 
_diffrn_radiation_wavelength.id           1 
_diffrn_radiation_wavelength.wavelength   1.5418 
_diffrn_radiation_wavelength.wt           1.0 
# 
_diffrn_source.diffrn_id                   1 
_diffrn_source.source                      'ROTATING ANODE' 
_diffrn_source.type                        'RIGAKU MICROMAX-007' 
_diffrn_source.pdbx_synchrotron_site       ? 
_diffrn_source.pdbx_synchrotron_beamline   ? 
_diffrn_source.pdbx_wavelength             ? 
_diffrn_source.pdbx_wavelength_list        1.5418 
# 
_reflns.entry_id                     2D0S 
_reflns.observed_criterion_sigma_F   2.0 
_reflns.observed_criterion_sigma_I   2.0 
_reflns.d_resolution_high            2.20 
_reflns.d_resolution_low             50.0 
_reflns.number_all                   4086 
_reflns.number_obs                   4086 
_reflns.percent_possible_obs         94.4 
_reflns.pdbx_Rmerge_I_obs            0.08 
_reflns.pdbx_Rsym_value              ? 
_reflns.pdbx_netI_over_sigmaI        17.65 
_reflns.B_iso_Wilson_estimate        ? 
_reflns.pdbx_redundancy              4.4 
_reflns.R_free_details               ? 
_reflns.limit_h_max                  ? 
_reflns.limit_h_min                  ? 
_reflns.limit_k_max                  ? 
_reflns.limit_k_min                  ? 
_reflns.limit_l_max                  ? 
_reflns.limit_l_min                  ? 
_reflns.observed_criterion_F_max     ? 
_reflns.observed_criterion_F_min     ? 
_reflns.pdbx_chi_squared             ? 
_reflns.pdbx_scaling_rejects         ? 
_reflns.pdbx_diffrn_id               1 
_reflns.pdbx_ordinal                 1 
# 
_reflns_shell.d_res_high             2.20 
_reflns_shell.d_res_low              2.28 
_reflns_shell.percent_possible_all   75.3 
_reflns_shell.Rmerge_I_obs           0.184 
_reflns_shell.pdbx_Rsym_value        ? 
_reflns_shell.meanI_over_sigI_obs    4.67 
_reflns_shell.pdbx_redundancy        3.9 
_reflns_shell.percent_possible_obs   ? 
_reflns_shell.number_unique_all      314 
_reflns_shell.number_measured_all    ? 
_reflns_shell.number_measured_obs    ? 
_reflns_shell.number_unique_obs      ? 
_reflns_shell.pdbx_chi_squared       ? 
_reflns_shell.pdbx_diffrn_id         ? 
_reflns_shell.pdbx_ordinal           1 
# 
_refine.entry_id                                 2D0S 
_refine.ls_number_reflns_obs                     4025 
_refine.ls_number_reflns_all                     3898 
_refine.pdbx_ls_sigma_I                          ? 
_refine.pdbx_ls_sigma_F                          2.0 
_refine.pdbx_data_cutoff_high_absF               ? 
_refine.pdbx_data_cutoff_low_absF                ? 
_refine.pdbx_data_cutoff_high_rms_absF           ? 
_refine.ls_d_res_low                             9.74 
_refine.ls_d_res_high                            2.20 
_refine.ls_percent_reflns_obs                    94.16 
_refine.ls_R_factor_obs                          0.184 
_refine.ls_R_factor_all                          0.181 
_refine.ls_R_factor_R_work                       0.181 
_refine.ls_R_factor_R_free                       0.218 
_refine.ls_R_factor_R_free_error                 ? 
_refine.ls_R_factor_R_free_error_details         ? 
_refine.ls_percent_reflns_R_free                 9.8 
_refine.ls_number_reflns_R_free                  378 
_refine.ls_number_parameters                     ? 
_refine.ls_number_restraints                     ? 
_refine.occupancy_min                            ? 
_refine.occupancy_max                            ? 
_refine.correlation_coeff_Fo_to_Fc               ? 
_refine.correlation_coeff_Fo_to_Fc_free          ? 
_refine.B_iso_mean                               20.466 
_refine.aniso_B[1][1]                            0.03 
_refine.aniso_B[2][2]                            -0.10 
_refine.aniso_B[3][3]                            0.07 
_refine.aniso_B[1][2]                            0.00 
_refine.aniso_B[1][3]                            0.00 
_refine.aniso_B[2][3]                            0.00 
_refine.solvent_model_details                    MASK 
_refine.solvent_model_param_ksol                 ? 
_refine.solvent_model_param_bsol                 ? 
_refine.pdbx_solvent_vdw_probe_radii             1.20 
_refine.pdbx_solvent_ion_probe_radii             0.80 
_refine.pdbx_solvent_shrinkage_radii             0.80 
_refine.pdbx_ls_cross_valid_method               THROUGHOUT 
_refine.details                                  'HYDROGENS HAVE BEEN ADDED IN THE RIDING POSITIONS' 
_refine.pdbx_starting_model                      ? 
_refine.pdbx_method_to_determine_struct          'MOLECULAR REPLACEMENT' 
_refine.pdbx_isotropic_thermal_model             ? 
_refine.pdbx_stereochemistry_target_values       'MAXIMUM LIKELIHOOD' 
_refine.pdbx_stereochem_target_val_spec_case     ? 
_refine.pdbx_R_Free_selection_details            RANDOM 
_refine.pdbx_overall_ESU_R                       ? 
_refine.pdbx_overall_ESU_R_Free                  ? 
_refine.overall_SU_ML                            ? 
_refine.overall_SU_B                             ? 
_refine.ls_redundancy_reflns_obs                 ? 
_refine.B_iso_min                                ? 
_refine.B_iso_max                                ? 
_refine.overall_SU_R_Cruickshank_DPI             ? 
_refine.overall_SU_R_free                        ? 
_refine.ls_wR_factor_R_free                      ? 
_refine.ls_wR_factor_R_work                      ? 
_refine.overall_FOM_free_R_set                   ? 
_refine.overall_FOM_work_R_set                   ? 
_refine.pdbx_refine_id                           'X-RAY DIFFRACTION' 
_refine.pdbx_diffrn_id                           1 
_refine.pdbx_TLS_residual_ADP_flag               ? 
_refine.pdbx_overall_phase_error                 ? 
_refine.pdbx_overall_SU_R_free_Cruickshank_DPI   ? 
_refine.pdbx_overall_SU_R_Blow_DPI               ? 
_refine.pdbx_overall_SU_R_free_Blow_DPI          ? 
# 
_refine_hist.pdbx_refine_id                   'X-RAY DIFFRACTION' 
_refine_hist.cycle_id                         LAST 
_refine_hist.pdbx_number_atoms_protein        600 
_refine_hist.pdbx_number_atoms_nucleic_acid   0 
_refine_hist.pdbx_number_atoms_ligand         43 
_refine_hist.number_atoms_solvent             31 
_refine_hist.number_atoms_total               674 
_refine_hist.d_res_high                       2.20 
_refine_hist.d_res_low                        9.74 
# 
loop_
_refine_ls_restr.type 
_refine_ls_restr.dev_ideal 
_refine_ls_restr.dev_ideal_target 
_refine_ls_restr.weight 
_refine_ls_restr.number 
_refine_ls_restr.pdbx_refine_id 
_refine_ls_restr.pdbx_restraint_function 
r_bond_refined_d             0.023  0.022  ? 664 'X-RAY DIFFRACTION' ? 
r_bond_other_d               ?      ?      ? ?   'X-RAY DIFFRACTION' ? 
r_angle_refined_deg          1.434  2.197  ? 913 'X-RAY DIFFRACTION' ? 
r_angle_other_deg            ?      ?      ? ?   'X-RAY DIFFRACTION' ? 
r_dihedral_angle_1_deg       7.789  5.000  ? 78  'X-RAY DIFFRACTION' ? 
r_dihedral_angle_2_deg       41.356 25.556 ? 18  'X-RAY DIFFRACTION' ? 
r_dihedral_angle_3_deg       20.803 15.000 ? 115 'X-RAY DIFFRACTION' ? 
r_dihedral_angle_4_deg       4.477  15.000 ? 1   'X-RAY DIFFRACTION' ? 
r_chiral_restr               0.119  0.200  ? 93  'X-RAY DIFFRACTION' ? 
r_gen_planes_refined         0.017  0.020  ? 485 'X-RAY DIFFRACTION' ? 
r_gen_planes_other           ?      ?      ? ?   'X-RAY DIFFRACTION' ? 
r_nbd_refined                0.297  0.200  ? 284 'X-RAY DIFFRACTION' ? 
r_nbd_other                  ?      ?      ? ?   'X-RAY DIFFRACTION' ? 
r_nbtor_refined              0.326  0.200  ? 438 'X-RAY DIFFRACTION' ? 
r_nbtor_other                ?      ?      ? ?   'X-RAY DIFFRACTION' ? 
r_xyhbond_nbd_refined        0.142  0.200  ? 24  'X-RAY DIFFRACTION' ? 
r_xyhbond_nbd_other          ?      ?      ? ?   'X-RAY DIFFRACTION' ? 
r_metal_ion_refined          ?      ?      ? ?   'X-RAY DIFFRACTION' ? 
r_metal_ion_other            ?      ?      ? ?   'X-RAY DIFFRACTION' ? 
r_symmetry_vdw_refined       0.275  0.200  ? 17  'X-RAY DIFFRACTION' ? 
r_symmetry_vdw_other         ?      ?      ? ?   'X-RAY DIFFRACTION' ? 
r_symmetry_hbond_refined     0.132  0.200  ? 5   'X-RAY DIFFRACTION' ? 
r_symmetry_hbond_other       ?      ?      ? ?   'X-RAY DIFFRACTION' ? 
r_symmetry_metal_ion_refined ?      ?      ? ?   'X-RAY DIFFRACTION' ? 
r_symmetry_metal_ion_other   ?      ?      ? ?   'X-RAY DIFFRACTION' ? 
r_mcbond_it                  2.574  2.000  ? 402 'X-RAY DIFFRACTION' ? 
r_mcbond_other               ?      ?      ? ?   'X-RAY DIFFRACTION' ? 
r_mcangle_it                 4.014  3.000  ? 639 'X-RAY DIFFRACTION' ? 
r_scbond_it                  3.070  2.000  ? 310 'X-RAY DIFFRACTION' ? 
r_scangle_it                 4.486  3.000  ? 272 'X-RAY DIFFRACTION' ? 
r_rigid_bond_restr           ?      ?      ? ?   'X-RAY DIFFRACTION' ? 
r_sphericity_free            ?      ?      ? ?   'X-RAY DIFFRACTION' ? 
r_sphericity_bonded          ?      ?      ? ?   'X-RAY DIFFRACTION' ? 
# 
_refine_ls_shell.pdbx_total_number_of_bins_used   20 
_refine_ls_shell.d_res_high                       2.20 
_refine_ls_shell.d_res_low                        2.25 
_refine_ls_shell.number_reflns_R_work             187 
_refine_ls_shell.R_factor_R_work                  0.174 
_refine_ls_shell.percent_reflns_obs               71.81 
_refine_ls_shell.R_factor_R_free                  0.224 
_refine_ls_shell.R_factor_R_free_error            ? 
_refine_ls_shell.percent_reflns_R_free            ? 
_refine_ls_shell.number_reflns_R_free             27 
_refine_ls_shell.number_reflns_obs                ? 
_refine_ls_shell.redundancy_reflns_obs            ? 
_refine_ls_shell.number_reflns_all                ? 
_refine_ls_shell.R_factor_all                     ? 
_refine_ls_shell.pdbx_refine_id                   'X-RAY DIFFRACTION' 
# 
_struct.entry_id                  2D0S 
_struct.title                     
'Crystal structure of the Cytochrome C552 from moderate thermophilic bacterium, hydrogenophilus thermoluteolus' 
_struct.pdbx_model_details        ? 
_struct.pdbx_CASP_flag            ? 
_struct.pdbx_model_type_details   ? 
# 
_struct_keywords.entry_id        2D0S 
_struct_keywords.pdbx_keywords   'ELECTRON TRANSPORT' 
_struct_keywords.text            'HEME PROTEIN, ELECTRON TRANSPORT' 
# 
loop_
_struct_asym.id 
_struct_asym.pdbx_blank_PDB_chainid_flag 
_struct_asym.pdbx_modified 
_struct_asym.entity_id 
_struct_asym.details 
A N N 1 ? 
B N N 2 ? 
C N N 3 ? 
# 
_struct_ref.id                         1 
_struct_ref.db_name                    UNP 
_struct_ref.db_code                    Q76IQ6_PSEHY 
_struct_ref.pdbx_db_accession          Q76IQ6 
_struct_ref.entity_id                  1 
_struct_ref.pdbx_align_begin           24 
_struct_ref.pdbx_db_isoform            ? 
_struct_ref.pdbx_seq_one_letter_code   ? 
# 
_struct_ref_seq.align_id                      1 
_struct_ref_seq.ref_id                        1 
_struct_ref_seq.pdbx_PDB_id_code              2D0S 
_struct_ref_seq.pdbx_strand_id                A 
_struct_ref_seq.seq_align_beg                 1 
_struct_ref_seq.pdbx_seq_align_beg_ins_code   ? 
_struct_ref_seq.seq_align_end                 79 
_struct_ref_seq.pdbx_seq_align_end_ins_code   ? 
_struct_ref_seq.pdbx_db_accession             Q76IQ6 
_struct_ref_seq.db_align_beg                  24 
_struct_ref_seq.pdbx_db_align_beg_ins_code    ? 
_struct_ref_seq.db_align_end                  102 
_struct_ref_seq.pdbx_db_align_end_ins_code    ? 
_struct_ref_seq.pdbx_auth_seq_align_beg       1 
_struct_ref_seq.pdbx_auth_seq_align_end       79 
# 
_pdbx_struct_assembly.id                   1 
_pdbx_struct_assembly.details              author_defined_assembly 
_pdbx_struct_assembly.method_details       ? 
_pdbx_struct_assembly.oligomeric_details   monomeric 
_pdbx_struct_assembly.oligomeric_count     1 
# 
_pdbx_struct_assembly_gen.assembly_id       1 
_pdbx_struct_assembly_gen.oper_expression   1 
_pdbx_struct_assembly_gen.asym_id_list      A,B,C 
# 
_pdbx_struct_oper_list.id                   1 
_pdbx_struct_oper_list.type                 'identity operation' 
_pdbx_struct_oper_list.name                 1_555 
_pdbx_struct_oper_list.symmetry_operation   x,y,z 
_pdbx_struct_oper_list.matrix[1][1]         1.0000000000 
_pdbx_struct_oper_list.matrix[1][2]         0.0000000000 
_pdbx_struct_oper_list.matrix[1][3]         0.0000000000 
_pdbx_struct_oper_list.vector[1]            0.0000000000 
_pdbx_struct_oper_list.matrix[2][1]         0.0000000000 
_pdbx_struct_oper_list.matrix[2][2]         1.0000000000 
_pdbx_struct_oper_list.matrix[2][3]         0.0000000000 
_pdbx_struct_oper_list.vector[2]            0.0000000000 
_pdbx_struct_oper_list.matrix[3][1]         0.0000000000 
_pdbx_struct_oper_list.matrix[3][2]         0.0000000000 
_pdbx_struct_oper_list.matrix[3][3]         1.0000000000 
_pdbx_struct_oper_list.vector[3]            0.0000000000 
# 
_struct_biol.id                    1 
_struct_biol.pdbx_parent_biol_id   ? 
_struct_biol.details               ? 
# 
loop_
_struct_conf.conf_type_id 
_struct_conf.id 
_struct_conf.pdbx_PDB_helix_id 
_struct_conf.beg_label_comp_id 
_struct_conf.beg_label_asym_id 
_struct_conf.beg_label_seq_id 
_struct_conf.pdbx_beg_PDB_ins_code 
_struct_conf.end_label_comp_id 
_struct_conf.end_label_asym_id 
_struct_conf.end_label_seq_id 
_struct_conf.pdbx_end_PDB_ins_code 
_struct_conf.beg_auth_comp_id 
_struct_conf.beg_auth_asym_id 
_struct_conf.beg_auth_seq_id 
_struct_conf.end_auth_comp_id 
_struct_conf.end_auth_asym_id 
_struct_conf.end_auth_seq_id 
_struct_conf.pdbx_PDB_helix_class 
_struct_conf.details 
_struct_conf.pdbx_PDB_helix_length 
HELX_P HELX_P1 1 ASP A 1  ? LYS A 8  ? ASP A 1  LYS A 8  1 ? 8  
HELX_P HELX_P2 2 GLY A 9  ? CYS A 13 ? GLY A 9  CYS A 13 5 ? 5  
HELX_P HELX_P3 3 SER A 24 ? TYR A 32 ? SER A 24 TYR A 32 1 ? 9  
HELX_P HELX_P4 4 THR A 33 ? ALA A 35 ? THR A 33 ALA A 35 5 ? 3  
HELX_P HELX_P5 5 ASP A 36 ? GLY A 47 ? ASP A 36 GLY A 47 1 ? 12 
HELX_P HELX_P6 6 ALA A 64 ? LEU A 76 ? ALA A 64 LEU A 76 1 ? 13 
# 
_struct_conf_type.id          HELX_P 
_struct_conf_type.criteria    ? 
_struct_conf_type.reference   ? 
# 
loop_
_struct_conn.id 
_struct_conn.conn_type_id 
_struct_conn.pdbx_leaving_atom_flag 
_struct_conn.pdbx_PDB_id 
_struct_conn.ptnr1_label_asym_id 
_struct_conn.ptnr1_label_comp_id 
_struct_conn.ptnr1_label_seq_id 
_struct_conn.ptnr1_label_atom_id 
_struct_conn.pdbx_ptnr1_label_alt_id 
_struct_conn.pdbx_ptnr1_PDB_ins_code 
_struct_conn.pdbx_ptnr1_standard_comp_id 
_struct_conn.ptnr1_symmetry 
_struct_conn.ptnr2_label_asym_id 
_struct_conn.ptnr2_label_comp_id 
_struct_conn.ptnr2_label_seq_id 
_struct_conn.ptnr2_label_atom_id 
_struct_conn.pdbx_ptnr2_label_alt_id 
_struct_conn.pdbx_ptnr2_PDB_ins_code 
_struct_conn.ptnr1_auth_asym_id 
_struct_conn.ptnr1_auth_comp_id 
_struct_conn.ptnr1_auth_seq_id 
_struct_conn.ptnr2_auth_asym_id 
_struct_conn.ptnr2_auth_comp_id 
_struct_conn.ptnr2_auth_seq_id 
_struct_conn.ptnr2_symmetry 
_struct_conn.pdbx_ptnr3_label_atom_id 
_struct_conn.pdbx_ptnr3_label_seq_id 
_struct_conn.pdbx_ptnr3_label_comp_id 
_struct_conn.pdbx_ptnr3_label_asym_id 
_struct_conn.pdbx_ptnr3_label_alt_id 
_struct_conn.pdbx_ptnr3_PDB_ins_code 
_struct_conn.details 
_struct_conn.pdbx_dist_value 
_struct_conn.pdbx_value_order 
_struct_conn.pdbx_role 
covale1 covale none ? A CYS 10 SG  ? ? ? 1_555 B HEC . CAB ? ? A CYS 10 A HEC 80 1_555 ? ? ? ? ? ? ? 1.850 ? ? 
covale2 covale none ? A CYS 13 SG  ? ? ? 1_555 B HEC . CAC ? ? A CYS 13 A HEC 80 1_555 ? ? ? ? ? ? ? 2.002 ? ? 
metalc1 metalc ?    ? A HIS 14 NE2 ? ? ? 1_555 B HEC . FE  ? ? A HIS 14 A HEC 80 1_555 ? ? ? ? ? ? ? 2.011 ? ? 
metalc2 metalc ?    ? A MET 57 SD  ? ? ? 1_555 B HEC . FE  ? ? A MET 57 A HEC 80 1_555 ? ? ? ? ? ? ? 2.416 ? ? 
# 
loop_
_struct_conn_type.id 
_struct_conn_type.criteria 
_struct_conn_type.reference 
covale ? ? 
metalc ? ? 
# 
loop_
_pdbx_struct_conn_angle.id 
_pdbx_struct_conn_angle.ptnr1_label_atom_id 
_pdbx_struct_conn_angle.ptnr1_label_alt_id 
_pdbx_struct_conn_angle.ptnr1_label_asym_id 
_pdbx_struct_conn_angle.ptnr1_label_comp_id 
_pdbx_struct_conn_angle.ptnr1_label_seq_id 
_pdbx_struct_conn_angle.ptnr1_auth_atom_id 
_pdbx_struct_conn_angle.ptnr1_auth_asym_id 
_pdbx_struct_conn_angle.ptnr1_auth_comp_id 
_pdbx_struct_conn_angle.ptnr1_auth_seq_id 
_pdbx_struct_conn_angle.ptnr1_PDB_ins_code 
_pdbx_struct_conn_angle.ptnr1_symmetry 
_pdbx_struct_conn_angle.ptnr2_label_atom_id 
_pdbx_struct_conn_angle.ptnr2_label_alt_id 
_pdbx_struct_conn_angle.ptnr2_label_asym_id 
_pdbx_struct_conn_angle.ptnr2_label_comp_id 
_pdbx_struct_conn_angle.ptnr2_label_seq_id 
_pdbx_struct_conn_angle.ptnr2_auth_atom_id 
_pdbx_struct_conn_angle.ptnr2_auth_asym_id 
_pdbx_struct_conn_angle.ptnr2_auth_comp_id 
_pdbx_struct_conn_angle.ptnr2_auth_seq_id 
_pdbx_struct_conn_angle.ptnr2_PDB_ins_code 
_pdbx_struct_conn_angle.ptnr2_symmetry 
_pdbx_struct_conn_angle.ptnr3_label_atom_id 
_pdbx_struct_conn_angle.ptnr3_label_alt_id 
_pdbx_struct_conn_angle.ptnr3_label_asym_id 
_pdbx_struct_conn_angle.ptnr3_label_comp_id 
_pdbx_struct_conn_angle.ptnr3_label_seq_id 
_pdbx_struct_conn_angle.ptnr3_auth_atom_id 
_pdbx_struct_conn_angle.ptnr3_auth_asym_id 
_pdbx_struct_conn_angle.ptnr3_auth_comp_id 
_pdbx_struct_conn_angle.ptnr3_auth_seq_id 
_pdbx_struct_conn_angle.ptnr3_PDB_ins_code 
_pdbx_struct_conn_angle.ptnr3_symmetry 
_pdbx_struct_conn_angle.value 
_pdbx_struct_conn_angle.value_esd 
1  NE2 ? A HIS 14 ? A HIS 14 ? 1_555 FE ? B HEC . ? A HEC 80 ? 1_555 NA ? B HEC .  ? A HEC 80 ? 1_555 86.8  ? 
2  NE2 ? A HIS 14 ? A HIS 14 ? 1_555 FE ? B HEC . ? A HEC 80 ? 1_555 NB ? B HEC .  ? A HEC 80 ? 1_555 93.6  ? 
3  NA  ? B HEC .  ? A HEC 80 ? 1_555 FE ? B HEC . ? A HEC 80 ? 1_555 NB ? B HEC .  ? A HEC 80 ? 1_555 91.9  ? 
4  NE2 ? A HIS 14 ? A HIS 14 ? 1_555 FE ? B HEC . ? A HEC 80 ? 1_555 NC ? B HEC .  ? A HEC 80 ? 1_555 91.9  ? 
5  NA  ? B HEC .  ? A HEC 80 ? 1_555 FE ? B HEC . ? A HEC 80 ? 1_555 NC ? B HEC .  ? A HEC 80 ? 1_555 177.9 ? 
6  NB  ? B HEC .  ? A HEC 80 ? 1_555 FE ? B HEC . ? A HEC 80 ? 1_555 NC ? B HEC .  ? A HEC 80 ? 1_555 89.9  ? 
7  NE2 ? A HIS 14 ? A HIS 14 ? 1_555 FE ? B HEC . ? A HEC 80 ? 1_555 ND ? B HEC .  ? A HEC 80 ? 1_555 88.2  ? 
8  NA  ? B HEC .  ? A HEC 80 ? 1_555 FE ? B HEC . ? A HEC 80 ? 1_555 ND ? B HEC .  ? A HEC 80 ? 1_555 90.2  ? 
9  NB  ? B HEC .  ? A HEC 80 ? 1_555 FE ? B HEC . ? A HEC 80 ? 1_555 ND ? B HEC .  ? A HEC 80 ? 1_555 177.3 ? 
10 NC  ? B HEC .  ? A HEC 80 ? 1_555 FE ? B HEC . ? A HEC 80 ? 1_555 ND ? B HEC .  ? A HEC 80 ? 1_555 88.1  ? 
11 NE2 ? A HIS 14 ? A HIS 14 ? 1_555 FE ? B HEC . ? A HEC 80 ? 1_555 SD ? A MET 57 ? A MET 57 ? 1_555 176.4 ? 
12 NA  ? B HEC .  ? A HEC 80 ? 1_555 FE ? B HEC . ? A HEC 80 ? 1_555 SD ? A MET 57 ? A MET 57 ? 1_555 89.8  ? 
13 NB  ? B HEC .  ? A HEC 80 ? 1_555 FE ? B HEC . ? A HEC 80 ? 1_555 SD ? A MET 57 ? A MET 57 ? 1_555 85.2  ? 
14 NC  ? B HEC .  ? A HEC 80 ? 1_555 FE ? B HEC . ? A HEC 80 ? 1_555 SD ? A MET 57 ? A MET 57 ? 1_555 91.5  ? 
15 ND  ? B HEC .  ? A HEC 80 ? 1_555 FE ? B HEC . ? A HEC 80 ? 1_555 SD ? A MET 57 ? A MET 57 ? 1_555 93.2  ? 
# 
loop_
_pdbx_modification_feature.ordinal 
_pdbx_modification_feature.label_comp_id 
_pdbx_modification_feature.label_asym_id 
_pdbx_modification_feature.label_seq_id 
_pdbx_modification_feature.label_alt_id 
_pdbx_modification_feature.modified_residue_label_comp_id 
_pdbx_modification_feature.modified_residue_label_asym_id 
_pdbx_modification_feature.modified_residue_label_seq_id 
_pdbx_modification_feature.modified_residue_label_alt_id 
_pdbx_modification_feature.auth_comp_id 
_pdbx_modification_feature.auth_asym_id 
_pdbx_modification_feature.auth_seq_id 
_pdbx_modification_feature.PDB_ins_code 
_pdbx_modification_feature.symmetry 
_pdbx_modification_feature.modified_residue_auth_comp_id 
_pdbx_modification_feature.modified_residue_auth_asym_id 
_pdbx_modification_feature.modified_residue_auth_seq_id 
_pdbx_modification_feature.modified_residue_PDB_ins_code 
_pdbx_modification_feature.modified_residue_symmetry 
_pdbx_modification_feature.comp_id_linking_atom 
_pdbx_modification_feature.modified_residue_id_linking_atom 
_pdbx_modification_feature.modified_residue_id 
_pdbx_modification_feature.ref_pcm_id 
_pdbx_modification_feature.ref_comp_id 
_pdbx_modification_feature.type 
_pdbx_modification_feature.category 
1 HEC B . ? CYS A 10 ? HEC A 80 ? 1_555 CYS A 10 ? 1_555 CAB SG CYS 2 HEC None Heme/heme-like 
2 HEC B . ? CYS A 13 ? HEC A 80 ? 1_555 CYS A 13 ? 1_555 CAC SG CYS 3 HEC None Heme/heme-like 
# 
_struct_site.id                   AC1 
_struct_site.pdbx_evidence_code   Software 
_struct_site.pdbx_auth_asym_id    A 
_struct_site.pdbx_auth_comp_id    HEC 
_struct_site.pdbx_auth_seq_id     80 
_struct_site.pdbx_auth_ins_code   ? 
_struct_site.pdbx_num_residues    18 
_struct_site.details              'BINDING SITE FOR RESIDUE HEC A 80' 
# 
loop_
_struct_site_gen.id 
_struct_site_gen.site_id 
_struct_site_gen.pdbx_num_res 
_struct_site_gen.label_comp_id 
_struct_site_gen.label_asym_id 
_struct_site_gen.label_seq_id 
_struct_site_gen.pdbx_auth_ins_code 
_struct_site_gen.auth_comp_id 
_struct_site_gen.auth_asym_id 
_struct_site_gen.auth_seq_id 
_struct_site_gen.label_atom_id 
_struct_site_gen.label_alt_id 
_struct_site_gen.symmetry 
_struct_site_gen.details 
1  AC1 18 CYS A 10 ? CYS A 10 . ? 1_555 ? 
2  AC1 18 CYS A 13 ? CYS A 13 . ? 1_555 ? 
3  AC1 18 HIS A 14 ? HIS A 14 . ? 1_555 ? 
4  AC1 18 TYR A 32 ? TYR A 32 . ? 1_555 ? 
5  AC1 18 LYS A 43 ? LYS A 43 . ? 1_555 ? 
6  AC1 18 GLY A 48 ? GLY A 48 . ? 1_555 ? 
7  AC1 18 ALA A 49 ? ALA A 49 . ? 1_555 ? 
8  AC1 18 GLY A 50 ? GLY A 50 . ? 1_555 ? 
9  AC1 18 VAL A 51 ? VAL A 51 . ? 1_555 ? 
10 AC1 18 TRP A 52 ? TRP A 52 . ? 1_555 ? 
11 AC1 18 GLY A 53 ? GLY A 53 . ? 1_555 ? 
12 AC1 18 VAL A 55 ? VAL A 55 . ? 1_555 ? 
13 AC1 18 MET A 57 ? MET A 57 . ? 1_555 ? 
14 AC1 18 PRO A 58 ? PRO A 58 . ? 1_555 ? 
15 AC1 18 HIS A 60 ? HIS A 60 . ? 1_555 ? 
16 AC1 18 ILE A 71 ? ILE A 71 . ? 1_555 ? 
17 AC1 18 ARG A 73 ? ARG A 73 . ? 8_555 ? 
18 AC1 18 HOH C .  ? HOH A 82 . ? 1_555 ? 
# 
_pdbx_entry_details.entry_id                   2D0S 
_pdbx_entry_details.compound_details           ? 
_pdbx_entry_details.source_details             ? 
_pdbx_entry_details.nonpolymer_details         ? 
_pdbx_entry_details.sequence_details           ? 
_pdbx_entry_details.has_ligand_of_interest     ? 
_pdbx_entry_details.has_protein_modification   Y 
# 
_pdbx_validate_rmsd_angle.id                         1 
_pdbx_validate_rmsd_angle.PDB_model_num              1 
_pdbx_validate_rmsd_angle.auth_atom_id_1             CA 
_pdbx_validate_rmsd_angle.auth_asym_id_1             A 
_pdbx_validate_rmsd_angle.auth_comp_id_1             CYS 
_pdbx_validate_rmsd_angle.auth_seq_id_1              13 
_pdbx_validate_rmsd_angle.PDB_ins_code_1             ? 
_pdbx_validate_rmsd_angle.label_alt_id_1             ? 
_pdbx_validate_rmsd_angle.auth_atom_id_2             CB 
_pdbx_validate_rmsd_angle.auth_asym_id_2             A 
_pdbx_validate_rmsd_angle.auth_comp_id_2             CYS 
_pdbx_validate_rmsd_angle.auth_seq_id_2              13 
_pdbx_validate_rmsd_angle.PDB_ins_code_2             ? 
_pdbx_validate_rmsd_angle.label_alt_id_2             ? 
_pdbx_validate_rmsd_angle.auth_atom_id_3             SG 
_pdbx_validate_rmsd_angle.auth_asym_id_3             A 
_pdbx_validate_rmsd_angle.auth_comp_id_3             CYS 
_pdbx_validate_rmsd_angle.auth_seq_id_3              13 
_pdbx_validate_rmsd_angle.PDB_ins_code_3             ? 
_pdbx_validate_rmsd_angle.label_alt_id_3             ? 
_pdbx_validate_rmsd_angle.angle_value                121.28 
_pdbx_validate_rmsd_angle.angle_target_value         114.20 
_pdbx_validate_rmsd_angle.angle_deviation            7.08 
_pdbx_validate_rmsd_angle.angle_standard_deviation   1.10 
_pdbx_validate_rmsd_angle.linker_flag                N 
# 
_pdbx_validate_torsion.id              1 
_pdbx_validate_torsion.PDB_model_num   1 
_pdbx_validate_torsion.auth_comp_id    LEU 
_pdbx_validate_torsion.auth_asym_id    A 
_pdbx_validate_torsion.auth_seq_id     20 
_pdbx_validate_torsion.PDB_ins_code    ? 
_pdbx_validate_torsion.label_alt_id    ? 
_pdbx_validate_torsion.phi             -129.36 
_pdbx_validate_torsion.psi             -137.43 
# 
_pdbx_struct_special_symmetry.id              1 
_pdbx_struct_special_symmetry.PDB_model_num   1 
_pdbx_struct_special_symmetry.auth_asym_id    A 
_pdbx_struct_special_symmetry.auth_comp_id    HOH 
_pdbx_struct_special_symmetry.auth_seq_id     108 
_pdbx_struct_special_symmetry.PDB_ins_code    ? 
_pdbx_struct_special_symmetry.label_asym_id   C 
_pdbx_struct_special_symmetry.label_comp_id   HOH 
_pdbx_struct_special_symmetry.label_seq_id    . 
# 
loop_
_chem_comp_atom.comp_id 
_chem_comp_atom.atom_id 
_chem_comp_atom.type_symbol 
_chem_comp_atom.pdbx_aromatic_flag 
_chem_comp_atom.pdbx_stereo_config 
_chem_comp_atom.pdbx_ordinal 
ALA N    N  N N 1   
ALA CA   C  N S 2   
ALA C    C  N N 3   
ALA O    O  N N 4   
ALA CB   C  N N 5   
ALA OXT  O  N N 6   
ALA H    H  N N 7   
ALA H2   H  N N 8   
ALA HA   H  N N 9   
ALA HB1  H  N N 10  
ALA HB2  H  N N 11  
ALA HB3  H  N N 12  
ALA HXT  H  N N 13  
ARG N    N  N N 14  
ARG CA   C  N S 15  
ARG C    C  N N 16  
ARG O    O  N N 17  
ARG CB   C  N N 18  
ARG CG   C  N N 19  
ARG CD   C  N N 20  
ARG NE   N  N N 21  
ARG CZ   C  N N 22  
ARG NH1  N  N N 23  
ARG NH2  N  N N 24  
ARG OXT  O  N N 25  
ARG H    H  N N 26  
ARG H2   H  N N 27  
ARG HA   H  N N 28  
ARG HB2  H  N N 29  
ARG HB3  H  N N 30  
ARG HG2  H  N N 31  
ARG HG3  H  N N 32  
ARG HD2  H  N N 33  
ARG HD3  H  N N 34  
ARG HE   H  N N 35  
ARG HH11 H  N N 36  
ARG HH12 H  N N 37  
ARG HH21 H  N N 38  
ARG HH22 H  N N 39  
ARG HXT  H  N N 40  
ASP N    N  N N 41  
ASP CA   C  N S 42  
ASP C    C  N N 43  
ASP O    O  N N 44  
ASP CB   C  N N 45  
ASP CG   C  N N 46  
ASP OD1  O  N N 47  
ASP OD2  O  N N 48  
ASP OXT  O  N N 49  
ASP H    H  N N 50  
ASP H2   H  N N 51  
ASP HA   H  N N 52  
ASP HB2  H  N N 53  
ASP HB3  H  N N 54  
ASP HD2  H  N N 55  
ASP HXT  H  N N 56  
CYS N    N  N N 57  
CYS CA   C  N R 58  
CYS C    C  N N 59  
CYS O    O  N N 60  
CYS CB   C  N N 61  
CYS SG   S  N N 62  
CYS OXT  O  N N 63  
CYS H    H  N N 64  
CYS H2   H  N N 65  
CYS HA   H  N N 66  
CYS HB2  H  N N 67  
CYS HB3  H  N N 68  
CYS HG   H  N N 69  
CYS HXT  H  N N 70  
GLN N    N  N N 71  
GLN CA   C  N S 72  
GLN C    C  N N 73  
GLN O    O  N N 74  
GLN CB   C  N N 75  
GLN CG   C  N N 76  
GLN CD   C  N N 77  
GLN OE1  O  N N 78  
GLN NE2  N  N N 79  
GLN OXT  O  N N 80  
GLN H    H  N N 81  
GLN H2   H  N N 82  
GLN HA   H  N N 83  
GLN HB2  H  N N 84  
GLN HB3  H  N N 85  
GLN HG2  H  N N 86  
GLN HG3  H  N N 87  
GLN HE21 H  N N 88  
GLN HE22 H  N N 89  
GLN HXT  H  N N 90  
GLU N    N  N N 91  
GLU CA   C  N S 92  
GLU C    C  N N 93  
GLU O    O  N N 94  
GLU CB   C  N N 95  
GLU CG   C  N N 96  
GLU CD   C  N N 97  
GLU OE1  O  N N 98  
GLU OE2  O  N N 99  
GLU OXT  O  N N 100 
GLU H    H  N N 101 
GLU H2   H  N N 102 
GLU HA   H  N N 103 
GLU HB2  H  N N 104 
GLU HB3  H  N N 105 
GLU HG2  H  N N 106 
GLU HG3  H  N N 107 
GLU HE2  H  N N 108 
GLU HXT  H  N N 109 
GLY N    N  N N 110 
GLY CA   C  N N 111 
GLY C    C  N N 112 
GLY O    O  N N 113 
GLY OXT  O  N N 114 
GLY H    H  N N 115 
GLY H2   H  N N 116 
GLY HA2  H  N N 117 
GLY HA3  H  N N 118 
GLY HXT  H  N N 119 
HEC FE   FE N N 120 
HEC CHA  C  N N 121 
HEC CHB  C  N N 122 
HEC CHC  C  N N 123 
HEC CHD  C  N N 124 
HEC NA   N  Y N 125 
HEC C1A  C  Y N 126 
HEC C2A  C  Y N 127 
HEC C3A  C  Y N 128 
HEC C4A  C  Y N 129 
HEC CMA  C  N N 130 
HEC CAA  C  N N 131 
HEC CBA  C  N N 132 
HEC CGA  C  N N 133 
HEC O1A  O  N N 134 
HEC O2A  O  N N 135 
HEC NB   N  Y N 136 
HEC C1B  C  Y N 137 
HEC C2B  C  Y N 138 
HEC C3B  C  Y N 139 
HEC C4B  C  Y N 140 
HEC CMB  C  N N 141 
HEC CAB  C  N N 142 
HEC CBB  C  N N 143 
HEC NC   N  Y N 144 
HEC C1C  C  Y N 145 
HEC C2C  C  Y N 146 
HEC C3C  C  Y N 147 
HEC C4C  C  Y N 148 
HEC CMC  C  N N 149 
HEC CAC  C  N N 150 
HEC CBC  C  N N 151 
HEC ND   N  Y N 152 
HEC C1D  C  Y N 153 
HEC C2D  C  Y N 154 
HEC C3D  C  Y N 155 
HEC C4D  C  Y N 156 
HEC CMD  C  N N 157 
HEC CAD  C  N N 158 
HEC CBD  C  N N 159 
HEC CGD  C  N N 160 
HEC O1D  O  N N 161 
HEC O2D  O  N N 162 
HEC HHA  H  N N 163 
HEC HHB  H  N N 164 
HEC HHC  H  N N 165 
HEC HHD  H  N N 166 
HEC HMA1 H  N N 167 
HEC HMA2 H  N N 168 
HEC HMA3 H  N N 169 
HEC HAA1 H  N N 170 
HEC HAA2 H  N N 171 
HEC HBA1 H  N N 172 
HEC HBA2 H  N N 173 
HEC H2A  H  N N 174 
HEC HMB1 H  N N 175 
HEC HMB2 H  N N 176 
HEC HMB3 H  N N 177 
HEC HAB  H  N N 178 
HEC HBB1 H  N N 179 
HEC HBB2 H  N N 180 
HEC HBB3 H  N N 181 
HEC HMC1 H  N N 182 
HEC HMC2 H  N N 183 
HEC HMC3 H  N N 184 
HEC HAC  H  N N 185 
HEC HBC1 H  N N 186 
HEC HBC2 H  N N 187 
HEC HBC3 H  N N 188 
HEC HMD1 H  N N 189 
HEC HMD2 H  N N 190 
HEC HMD3 H  N N 191 
HEC HAD1 H  N N 192 
HEC HAD2 H  N N 193 
HEC HBD1 H  N N 194 
HEC HBD2 H  N N 195 
HEC H2D  H  N N 196 
HIS N    N  N N 197 
HIS CA   C  N S 198 
HIS C    C  N N 199 
HIS O    O  N N 200 
HIS CB   C  N N 201 
HIS CG   C  Y N 202 
HIS ND1  N  Y N 203 
HIS CD2  C  Y N 204 
HIS CE1  C  Y N 205 
HIS NE2  N  Y N 206 
HIS OXT  O  N N 207 
HIS H    H  N N 208 
HIS H2   H  N N 209 
HIS HA   H  N N 210 
HIS HB2  H  N N 211 
HIS HB3  H  N N 212 
HIS HD1  H  N N 213 
HIS HD2  H  N N 214 
HIS HE1  H  N N 215 
HIS HE2  H  N N 216 
HIS HXT  H  N N 217 
HOH O    O  N N 218 
HOH H1   H  N N 219 
HOH H2   H  N N 220 
ILE N    N  N N 221 
ILE CA   C  N S 222 
ILE C    C  N N 223 
ILE O    O  N N 224 
ILE CB   C  N S 225 
ILE CG1  C  N N 226 
ILE CG2  C  N N 227 
ILE CD1  C  N N 228 
ILE OXT  O  N N 229 
ILE H    H  N N 230 
ILE H2   H  N N 231 
ILE HA   H  N N 232 
ILE HB   H  N N 233 
ILE HG12 H  N N 234 
ILE HG13 H  N N 235 
ILE HG21 H  N N 236 
ILE HG22 H  N N 237 
ILE HG23 H  N N 238 
ILE HD11 H  N N 239 
ILE HD12 H  N N 240 
ILE HD13 H  N N 241 
ILE HXT  H  N N 242 
LEU N    N  N N 243 
LEU CA   C  N S 244 
LEU C    C  N N 245 
LEU O    O  N N 246 
LEU CB   C  N N 247 
LEU CG   C  N N 248 
LEU CD1  C  N N 249 
LEU CD2  C  N N 250 
LEU OXT  O  N N 251 
LEU H    H  N N 252 
LEU H2   H  N N 253 
LEU HA   H  N N 254 
LEU HB2  H  N N 255 
LEU HB3  H  N N 256 
LEU HG   H  N N 257 
LEU HD11 H  N N 258 
LEU HD12 H  N N 259 
LEU HD13 H  N N 260 
LEU HD21 H  N N 261 
LEU HD22 H  N N 262 
LEU HD23 H  N N 263 
LEU HXT  H  N N 264 
LYS N    N  N N 265 
LYS CA   C  N S 266 
LYS C    C  N N 267 
LYS O    O  N N 268 
LYS CB   C  N N 269 
LYS CG   C  N N 270 
LYS CD   C  N N 271 
LYS CE   C  N N 272 
LYS NZ   N  N N 273 
LYS OXT  O  N N 274 
LYS H    H  N N 275 
LYS H2   H  N N 276 
LYS HA   H  N N 277 
LYS HB2  H  N N 278 
LYS HB3  H  N N 279 
LYS HG2  H  N N 280 
LYS HG3  H  N N 281 
LYS HD2  H  N N 282 
LYS HD3  H  N N 283 
LYS HE2  H  N N 284 
LYS HE3  H  N N 285 
LYS HZ1  H  N N 286 
LYS HZ2  H  N N 287 
LYS HZ3  H  N N 288 
LYS HXT  H  N N 289 
MET N    N  N N 290 
MET CA   C  N S 291 
MET C    C  N N 292 
MET O    O  N N 293 
MET CB   C  N N 294 
MET CG   C  N N 295 
MET SD   S  N N 296 
MET CE   C  N N 297 
MET OXT  O  N N 298 
MET H    H  N N 299 
MET H2   H  N N 300 
MET HA   H  N N 301 
MET HB2  H  N N 302 
MET HB3  H  N N 303 
MET HG2  H  N N 304 
MET HG3  H  N N 305 
MET HE1  H  N N 306 
MET HE2  H  N N 307 
MET HE3  H  N N 308 
MET HXT  H  N N 309 
PRO N    N  N N 310 
PRO CA   C  N S 311 
PRO C    C  N N 312 
PRO O    O  N N 313 
PRO CB   C  N N 314 
PRO CG   C  N N 315 
PRO CD   C  N N 316 
PRO OXT  O  N N 317 
PRO H    H  N N 318 
PRO HA   H  N N 319 
PRO HB2  H  N N 320 
PRO HB3  H  N N 321 
PRO HG2  H  N N 322 
PRO HG3  H  N N 323 
PRO HD2  H  N N 324 
PRO HD3  H  N N 325 
PRO HXT  H  N N 326 
SER N    N  N N 327 
SER CA   C  N S 328 
SER C    C  N N 329 
SER O    O  N N 330 
SER CB   C  N N 331 
SER OG   O  N N 332 
SER OXT  O  N N 333 
SER H    H  N N 334 
SER H2   H  N N 335 
SER HA   H  N N 336 
SER HB2  H  N N 337 
SER HB3  H  N N 338 
SER HG   H  N N 339 
SER HXT  H  N N 340 
THR N    N  N N 341 
THR CA   C  N S 342 
THR C    C  N N 343 
THR O    O  N N 344 
THR CB   C  N R 345 
THR OG1  O  N N 346 
THR CG2  C  N N 347 
THR OXT  O  N N 348 
THR H    H  N N 349 
THR H2   H  N N 350 
THR HA   H  N N 351 
THR HB   H  N N 352 
THR HG1  H  N N 353 
THR HG21 H  N N 354 
THR HG22 H  N N 355 
THR HG23 H  N N 356 
THR HXT  H  N N 357 
TRP N    N  N N 358 
TRP CA   C  N S 359 
TRP C    C  N N 360 
TRP O    O  N N 361 
TRP CB   C  N N 362 
TRP CG   C  Y N 363 
TRP CD1  C  Y N 364 
TRP CD2  C  Y N 365 
TRP NE1  N  Y N 366 
TRP CE2  C  Y N 367 
TRP CE3  C  Y N 368 
TRP CZ2  C  Y N 369 
TRP CZ3  C  Y N 370 
TRP CH2  C  Y N 371 
TRP OXT  O  N N 372 
TRP H    H  N N 373 
TRP H2   H  N N 374 
TRP HA   H  N N 375 
TRP HB2  H  N N 376 
TRP HB3  H  N N 377 
TRP HD1  H  N N 378 
TRP HE1  H  N N 379 
TRP HE3  H  N N 380 
TRP HZ2  H  N N 381 
TRP HZ3  H  N N 382 
TRP HH2  H  N N 383 
TRP HXT  H  N N 384 
TYR N    N  N N 385 
TYR CA   C  N S 386 
TYR C    C  N N 387 
TYR O    O  N N 388 
TYR CB   C  N N 389 
TYR CG   C  Y N 390 
TYR CD1  C  Y N 391 
TYR CD2  C  Y N 392 
TYR CE1  C  Y N 393 
TYR CE2  C  Y N 394 
TYR CZ   C  Y N 395 
TYR OH   O  N N 396 
TYR OXT  O  N N 397 
TYR H    H  N N 398 
TYR H2   H  N N 399 
TYR HA   H  N N 400 
TYR HB2  H  N N 401 
TYR HB3  H  N N 402 
TYR HD1  H  N N 403 
TYR HD2  H  N N 404 
TYR HE1  H  N N 405 
TYR HE2  H  N N 406 
TYR HH   H  N N 407 
TYR HXT  H  N N 408 
VAL N    N  N N 409 
VAL CA   C  N S 410 
VAL C    C  N N 411 
VAL O    O  N N 412 
VAL CB   C  N N 413 
VAL CG1  C  N N 414 
VAL CG2  C  N N 415 
VAL OXT  O  N N 416 
VAL H    H  N N 417 
VAL H2   H  N N 418 
VAL HA   H  N N 419 
VAL HB   H  N N 420 
VAL HG11 H  N N 421 
VAL HG12 H  N N 422 
VAL HG13 H  N N 423 
VAL HG21 H  N N 424 
VAL HG22 H  N N 425 
VAL HG23 H  N N 426 
VAL HXT  H  N N 427 
# 
loop_
_chem_comp_bond.comp_id 
_chem_comp_bond.atom_id_1 
_chem_comp_bond.atom_id_2 
_chem_comp_bond.value_order 
_chem_comp_bond.pdbx_aromatic_flag 
_chem_comp_bond.pdbx_stereo_config 
_chem_comp_bond.pdbx_ordinal 
ALA N   CA   sing N N 1   
ALA N   H    sing N N 2   
ALA N   H2   sing N N 3   
ALA CA  C    sing N N 4   
ALA CA  CB   sing N N 5   
ALA CA  HA   sing N N 6   
ALA C   O    doub N N 7   
ALA C   OXT  sing N N 8   
ALA CB  HB1  sing N N 9   
ALA CB  HB2  sing N N 10  
ALA CB  HB3  sing N N 11  
ALA OXT HXT  sing N N 12  
ARG N   CA   sing N N 13  
ARG N   H    sing N N 14  
ARG N   H2   sing N N 15  
ARG CA  C    sing N N 16  
ARG CA  CB   sing N N 17  
ARG CA  HA   sing N N 18  
ARG C   O    doub N N 19  
ARG C   OXT  sing N N 20  
ARG CB  CG   sing N N 21  
ARG CB  HB2  sing N N 22  
ARG CB  HB3  sing N N 23  
ARG CG  CD   sing N N 24  
ARG CG  HG2  sing N N 25  
ARG CG  HG3  sing N N 26  
ARG CD  NE   sing N N 27  
ARG CD  HD2  sing N N 28  
ARG CD  HD3  sing N N 29  
ARG NE  CZ   sing N N 30  
ARG NE  HE   sing N N 31  
ARG CZ  NH1  sing N N 32  
ARG CZ  NH2  doub N N 33  
ARG NH1 HH11 sing N N 34  
ARG NH1 HH12 sing N N 35  
ARG NH2 HH21 sing N N 36  
ARG NH2 HH22 sing N N 37  
ARG OXT HXT  sing N N 38  
ASP N   CA   sing N N 39  
ASP N   H    sing N N 40  
ASP N   H2   sing N N 41  
ASP CA  C    sing N N 42  
ASP CA  CB   sing N N 43  
ASP CA  HA   sing N N 44  
ASP C   O    doub N N 45  
ASP C   OXT  sing N N 46  
ASP CB  CG   sing N N 47  
ASP CB  HB2  sing N N 48  
ASP CB  HB3  sing N N 49  
ASP CG  OD1  doub N N 50  
ASP CG  OD2  sing N N 51  
ASP OD2 HD2  sing N N 52  
ASP OXT HXT  sing N N 53  
CYS N   CA   sing N N 54  
CYS N   H    sing N N 55  
CYS N   H2   sing N N 56  
CYS CA  C    sing N N 57  
CYS CA  CB   sing N N 58  
CYS CA  HA   sing N N 59  
CYS C   O    doub N N 60  
CYS C   OXT  sing N N 61  
CYS CB  SG   sing N N 62  
CYS CB  HB2  sing N N 63  
CYS CB  HB3  sing N N 64  
CYS SG  HG   sing N N 65  
CYS OXT HXT  sing N N 66  
GLN N   CA   sing N N 67  
GLN N   H    sing N N 68  
GLN N   H2   sing N N 69  
GLN CA  C    sing N N 70  
GLN CA  CB   sing N N 71  
GLN CA  HA   sing N N 72  
GLN C   O    doub N N 73  
GLN C   OXT  sing N N 74  
GLN CB  CG   sing N N 75  
GLN CB  HB2  sing N N 76  
GLN CB  HB3  sing N N 77  
GLN CG  CD   sing N N 78  
GLN CG  HG2  sing N N 79  
GLN CG  HG3  sing N N 80  
GLN CD  OE1  doub N N 81  
GLN CD  NE2  sing N N 82  
GLN NE2 HE21 sing N N 83  
GLN NE2 HE22 sing N N 84  
GLN OXT HXT  sing N N 85  
GLU N   CA   sing N N 86  
GLU N   H    sing N N 87  
GLU N   H2   sing N N 88  
GLU CA  C    sing N N 89  
GLU CA  CB   sing N N 90  
GLU CA  HA   sing N N 91  
GLU C   O    doub N N 92  
GLU C   OXT  sing N N 93  
GLU CB  CG   sing N N 94  
GLU CB  HB2  sing N N 95  
GLU CB  HB3  sing N N 96  
GLU CG  CD   sing N N 97  
GLU CG  HG2  sing N N 98  
GLU CG  HG3  sing N N 99  
GLU CD  OE1  doub N N 100 
GLU CD  OE2  sing N N 101 
GLU OE2 HE2  sing N N 102 
GLU OXT HXT  sing N N 103 
GLY N   CA   sing N N 104 
GLY N   H    sing N N 105 
GLY N   H2   sing N N 106 
GLY CA  C    sing N N 107 
GLY CA  HA2  sing N N 108 
GLY CA  HA3  sing N N 109 
GLY C   O    doub N N 110 
GLY C   OXT  sing N N 111 
GLY OXT HXT  sing N N 112 
HEC FE  NA   sing N N 113 
HEC FE  NB   sing N N 114 
HEC FE  NC   sing N N 115 
HEC FE  ND   sing N N 116 
HEC CHA C1A  doub N N 117 
HEC CHA C4D  sing N N 118 
HEC CHA HHA  sing N N 119 
HEC CHB C4A  doub N N 120 
HEC CHB C1B  sing N N 121 
HEC CHB HHB  sing N N 122 
HEC CHC C4B  doub N N 123 
HEC CHC C1C  sing N N 124 
HEC CHC HHC  sing N N 125 
HEC CHD C4C  doub N N 126 
HEC CHD C1D  sing N N 127 
HEC CHD HHD  sing N N 128 
HEC NA  C1A  sing Y N 129 
HEC NA  C4A  sing Y N 130 
HEC C1A C2A  sing Y N 131 
HEC C2A C3A  doub Y N 132 
HEC C2A CAA  sing N N 133 
HEC C3A C4A  sing Y N 134 
HEC C3A CMA  sing N N 135 
HEC CMA HMA1 sing N N 136 
HEC CMA HMA2 sing N N 137 
HEC CMA HMA3 sing N N 138 
HEC CAA CBA  sing N N 139 
HEC CAA HAA1 sing N N 140 
HEC CAA HAA2 sing N N 141 
HEC CBA CGA  sing N N 142 
HEC CBA HBA1 sing N N 143 
HEC CBA HBA2 sing N N 144 
HEC CGA O1A  doub N N 145 
HEC CGA O2A  sing N N 146 
HEC O2A H2A  sing N N 147 
HEC NB  C1B  sing Y N 148 
HEC NB  C4B  sing Y N 149 
HEC C1B C2B  doub Y N 150 
HEC C2B C3B  sing Y N 151 
HEC C2B CMB  sing N N 152 
HEC C3B C4B  sing Y N 153 
HEC C3B CAB  doub N E 154 
HEC CMB HMB1 sing N N 155 
HEC CMB HMB2 sing N N 156 
HEC CMB HMB3 sing N N 157 
HEC CAB CBB  sing N N 158 
HEC CAB HAB  sing N N 159 
HEC CBB HBB1 sing N N 160 
HEC CBB HBB2 sing N N 161 
HEC CBB HBB3 sing N N 162 
HEC NC  C1C  sing Y N 163 
HEC NC  C4C  sing Y N 164 
HEC C1C C2C  doub Y N 165 
HEC C2C C3C  sing Y N 166 
HEC C2C CMC  sing N N 167 
HEC C3C C4C  sing Y N 168 
HEC C3C CAC  doub N E 169 
HEC CMC HMC1 sing N N 170 
HEC CMC HMC2 sing N N 171 
HEC CMC HMC3 sing N N 172 
HEC CAC CBC  sing N N 173 
HEC CAC HAC  sing N N 174 
HEC CBC HBC1 sing N N 175 
HEC CBC HBC2 sing N N 176 
HEC CBC HBC3 sing N N 177 
HEC ND  C1D  sing Y N 178 
HEC ND  C4D  sing Y N 179 
HEC C1D C2D  doub Y N 180 
HEC C2D C3D  sing Y N 181 
HEC C2D CMD  sing N N 182 
HEC C3D C4D  doub Y N 183 
HEC C3D CAD  sing N N 184 
HEC CMD HMD1 sing N N 185 
HEC CMD HMD2 sing N N 186 
HEC CMD HMD3 sing N N 187 
HEC CAD CBD  sing N N 188 
HEC CAD HAD1 sing N N 189 
HEC CAD HAD2 sing N N 190 
HEC CBD CGD  sing N N 191 
HEC CBD HBD1 sing N N 192 
HEC CBD HBD2 sing N N 193 
HEC CGD O1D  doub N N 194 
HEC CGD O2D  sing N N 195 
HEC O2D H2D  sing N N 196 
HIS N   CA   sing N N 197 
HIS N   H    sing N N 198 
HIS N   H2   sing N N 199 
HIS CA  C    sing N N 200 
HIS CA  CB   sing N N 201 
HIS CA  HA   sing N N 202 
HIS C   O    doub N N 203 
HIS C   OXT  sing N N 204 
HIS CB  CG   sing N N 205 
HIS CB  HB2  sing N N 206 
HIS CB  HB3  sing N N 207 
HIS CG  ND1  sing Y N 208 
HIS CG  CD2  doub Y N 209 
HIS ND1 CE1  doub Y N 210 
HIS ND1 HD1  sing N N 211 
HIS CD2 NE2  sing Y N 212 
HIS CD2 HD2  sing N N 213 
HIS CE1 NE2  sing Y N 214 
HIS CE1 HE1  sing N N 215 
HIS NE2 HE2  sing N N 216 
HIS OXT HXT  sing N N 217 
HOH O   H1   sing N N 218 
HOH O   H2   sing N N 219 
ILE N   CA   sing N N 220 
ILE N   H    sing N N 221 
ILE N   H2   sing N N 222 
ILE CA  C    sing N N 223 
ILE CA  CB   sing N N 224 
ILE CA  HA   sing N N 225 
ILE C   O    doub N N 226 
ILE C   OXT  sing N N 227 
ILE CB  CG1  sing N N 228 
ILE CB  CG2  sing N N 229 
ILE CB  HB   sing N N 230 
ILE CG1 CD1  sing N N 231 
ILE CG1 HG12 sing N N 232 
ILE CG1 HG13 sing N N 233 
ILE CG2 HG21 sing N N 234 
ILE CG2 HG22 sing N N 235 
ILE CG2 HG23 sing N N 236 
ILE CD1 HD11 sing N N 237 
ILE CD1 HD12 sing N N 238 
ILE CD1 HD13 sing N N 239 
ILE OXT HXT  sing N N 240 
LEU N   CA   sing N N 241 
LEU N   H    sing N N 242 
LEU N   H2   sing N N 243 
LEU CA  C    sing N N 244 
LEU CA  CB   sing N N 245 
LEU CA  HA   sing N N 246 
LEU C   O    doub N N 247 
LEU C   OXT  sing N N 248 
LEU CB  CG   sing N N 249 
LEU CB  HB2  sing N N 250 
LEU CB  HB3  sing N N 251 
LEU CG  CD1  sing N N 252 
LEU CG  CD2  sing N N 253 
LEU CG  HG   sing N N 254 
LEU CD1 HD11 sing N N 255 
LEU CD1 HD12 sing N N 256 
LEU CD1 HD13 sing N N 257 
LEU CD2 HD21 sing N N 258 
LEU CD2 HD22 sing N N 259 
LEU CD2 HD23 sing N N 260 
LEU OXT HXT  sing N N 261 
LYS N   CA   sing N N 262 
LYS N   H    sing N N 263 
LYS N   H2   sing N N 264 
LYS CA  C    sing N N 265 
LYS CA  CB   sing N N 266 
LYS CA  HA   sing N N 267 
LYS C   O    doub N N 268 
LYS C   OXT  sing N N 269 
LYS CB  CG   sing N N 270 
LYS CB  HB2  sing N N 271 
LYS CB  HB3  sing N N 272 
LYS CG  CD   sing N N 273 
LYS CG  HG2  sing N N 274 
LYS CG  HG3  sing N N 275 
LYS CD  CE   sing N N 276 
LYS CD  HD2  sing N N 277 
LYS CD  HD3  sing N N 278 
LYS CE  NZ   sing N N 279 
LYS CE  HE2  sing N N 280 
LYS CE  HE3  sing N N 281 
LYS NZ  HZ1  sing N N 282 
LYS NZ  HZ2  sing N N 283 
LYS NZ  HZ3  sing N N 284 
LYS OXT HXT  sing N N 285 
MET N   CA   sing N N 286 
MET N   H    sing N N 287 
MET N   H2   sing N N 288 
MET CA  C    sing N N 289 
MET CA  CB   sing N N 290 
MET CA  HA   sing N N 291 
MET C   O    doub N N 292 
MET C   OXT  sing N N 293 
MET CB  CG   sing N N 294 
MET CB  HB2  sing N N 295 
MET CB  HB3  sing N N 296 
MET CG  SD   sing N N 297 
MET CG  HG2  sing N N 298 
MET CG  HG3  sing N N 299 
MET SD  CE   sing N N 300 
MET CE  HE1  sing N N 301 
MET CE  HE2  sing N N 302 
MET CE  HE3  sing N N 303 
MET OXT HXT  sing N N 304 
PRO N   CA   sing N N 305 
PRO N   CD   sing N N 306 
PRO N   H    sing N N 307 
PRO CA  C    sing N N 308 
PRO CA  CB   sing N N 309 
PRO CA  HA   sing N N 310 
PRO C   O    doub N N 311 
PRO C   OXT  sing N N 312 
PRO CB  CG   sing N N 313 
PRO CB  HB2  sing N N 314 
PRO CB  HB3  sing N N 315 
PRO CG  CD   sing N N 316 
PRO CG  HG2  sing N N 317 
PRO CG  HG3  sing N N 318 
PRO CD  HD2  sing N N 319 
PRO CD  HD3  sing N N 320 
PRO OXT HXT  sing N N 321 
SER N   CA   sing N N 322 
SER N   H    sing N N 323 
SER N   H2   sing N N 324 
SER CA  C    sing N N 325 
SER CA  CB   sing N N 326 
SER CA  HA   sing N N 327 
SER C   O    doub N N 328 
SER C   OXT  sing N N 329 
SER CB  OG   sing N N 330 
SER CB  HB2  sing N N 331 
SER CB  HB3  sing N N 332 
SER OG  HG   sing N N 333 
SER OXT HXT  sing N N 334 
THR N   CA   sing N N 335 
THR N   H    sing N N 336 
THR N   H2   sing N N 337 
THR CA  C    sing N N 338 
THR CA  CB   sing N N 339 
THR CA  HA   sing N N 340 
THR C   O    doub N N 341 
THR C   OXT  sing N N 342 
THR CB  OG1  sing N N 343 
THR CB  CG2  sing N N 344 
THR CB  HB   sing N N 345 
THR OG1 HG1  sing N N 346 
THR CG2 HG21 sing N N 347 
THR CG2 HG22 sing N N 348 
THR CG2 HG23 sing N N 349 
THR OXT HXT  sing N N 350 
TRP N   CA   sing N N 351 
TRP N   H    sing N N 352 
TRP N   H2   sing N N 353 
TRP CA  C    sing N N 354 
TRP CA  CB   sing N N 355 
TRP CA  HA   sing N N 356 
TRP C   O    doub N N 357 
TRP C   OXT  sing N N 358 
TRP CB  CG   sing N N 359 
TRP CB  HB2  sing N N 360 
TRP CB  HB3  sing N N 361 
TRP CG  CD1  doub Y N 362 
TRP CG  CD2  sing Y N 363 
TRP CD1 NE1  sing Y N 364 
TRP CD1 HD1  sing N N 365 
TRP CD2 CE2  doub Y N 366 
TRP CD2 CE3  sing Y N 367 
TRP NE1 CE2  sing Y N 368 
TRP NE1 HE1  sing N N 369 
TRP CE2 CZ2  sing Y N 370 
TRP CE3 CZ3  doub Y N 371 
TRP CE3 HE3  sing N N 372 
TRP CZ2 CH2  doub Y N 373 
TRP CZ2 HZ2  sing N N 374 
TRP CZ3 CH2  sing Y N 375 
TRP CZ3 HZ3  sing N N 376 
TRP CH2 HH2  sing N N 377 
TRP OXT HXT  sing N N 378 
TYR N   CA   sing N N 379 
TYR N   H    sing N N 380 
TYR N   H2   sing N N 381 
TYR CA  C    sing N N 382 
TYR CA  CB   sing N N 383 
TYR CA  HA   sing N N 384 
TYR C   O    doub N N 385 
TYR C   OXT  sing N N 386 
TYR CB  CG   sing N N 387 
TYR CB  HB2  sing N N 388 
TYR CB  HB3  sing N N 389 
TYR CG  CD1  doub Y N 390 
TYR CG  CD2  sing Y N 391 
TYR CD1 CE1  sing Y N 392 
TYR CD1 HD1  sing N N 393 
TYR CD2 CE2  doub Y N 394 
TYR CD2 HD2  sing N N 395 
TYR CE1 CZ   doub Y N 396 
TYR CE1 HE1  sing N N 397 
TYR CE2 CZ   sing Y N 398 
TYR CE2 HE2  sing N N 399 
TYR CZ  OH   sing N N 400 
TYR OH  HH   sing N N 401 
TYR OXT HXT  sing N N 402 
VAL N   CA   sing N N 403 
VAL N   H    sing N N 404 
VAL N   H2   sing N N 405 
VAL CA  C    sing N N 406 
VAL CA  CB   sing N N 407 
VAL CA  HA   sing N N 408 
VAL C   O    doub N N 409 
VAL C   OXT  sing N N 410 
VAL CB  CG1  sing N N 411 
VAL CB  CG2  sing N N 412 
VAL CB  HB   sing N N 413 
VAL CG1 HG11 sing N N 414 
VAL CG1 HG12 sing N N 415 
VAL CG1 HG13 sing N N 416 
VAL CG2 HG21 sing N N 417 
VAL CG2 HG22 sing N N 418 
VAL CG2 HG23 sing N N 419 
VAL OXT HXT  sing N N 420 
# 
_atom_sites.entry_id                    2D0S 
_atom_sites.fract_transf_matrix[1][1]   -0.01443543 
_atom_sites.fract_transf_matrix[1][2]   0.01131923 
_atom_sites.fract_transf_matrix[1][3]   0.00870554 
_atom_sites.fract_transf_matrix[2][1]   -0.00304755 
_atom_sites.fract_transf_matrix[2][2]   0.00765449 
_atom_sites.fract_transf_matrix[2][3]   -0.01500604 
_atom_sites.fract_transf_matrix[3][1]   -0.01208112 
_atom_sites.fract_transf_matrix[3][2]   -0.01242113 
_atom_sites.fract_transf_matrix[3][3]   -0.00388241 
_atom_sites.fract_transf_vector[1]      0.287421 
_atom_sites.fract_transf_vector[2]      0.246879 
_atom_sites.fract_transf_vector[3]      0.079394 
# 
loop_
_atom_type.symbol 
C  
FE 
N  
O  
S  
# 
loop_
_atom_site.group_PDB 
_atom_site.id 
_atom_site.type_symbol 
_atom_site.label_atom_id 
_atom_site.label_alt_id 
_atom_site.label_comp_id 
_atom_site.label_asym_id 
_atom_site.label_entity_id 
_atom_site.label_seq_id 
_atom_site.pdbx_PDB_ins_code 
_atom_site.Cartn_x 
_atom_site.Cartn_y 
_atom_site.Cartn_z 
_atom_site.occupancy 
_atom_site.B_iso_or_equiv 
_atom_site.pdbx_formal_charge 
_atom_site.auth_seq_id 
_atom_site.auth_comp_id 
_atom_site.auth_asym_id 
_atom_site.auth_atom_id 
_atom_site.pdbx_PDB_model_num 
ATOM   1   N  N   . ASP A 1 1  ? 7.418   -1.508  8.071   1.00 24.56 ? 1   ASP A N   1 
ATOM   2   C  CA  . ASP A 1 1  ? 6.876   -2.691  8.829   1.00 21.81 ? 1   ASP A CA  1 
ATOM   3   C  C   . ASP A 1 1  ? 5.427   -2.371  9.205   1.00 19.52 ? 1   ASP A C   1 
ATOM   4   O  O   . ASP A 1 1  ? 4.909   -1.323  8.832   1.00 17.03 ? 1   ASP A O   1 
ATOM   5   C  CB  . ASP A 1 1  ? 7.717   -2.926  10.096  1.00 25.37 ? 1   ASP A CB  1 
ATOM   6   C  CG  . ASP A 1 1  ? 8.093   -1.606  10.820  1.00 31.12 ? 1   ASP A CG  1 
ATOM   7   O  OD1 . ASP A 1 1  ? 7.219   -1.006  11.450  1.00 28.87 ? 1   ASP A OD1 1 
ATOM   8   O  OD2 . ASP A 1 1  ? 9.280   -1.176  10.753  1.00 36.48 ? 1   ASP A OD2 1 
ATOM   9   N  N   . GLU A 1 2  ? 4.819   -3.197  10.048  1.00 16.76 ? 2   GLU A N   1 
ATOM   10  C  CA  . GLU A 1 2  ? 3.440   -2.987  10.441  1.00 17.92 ? 2   GLU A CA  1 
ATOM   11  C  C   . GLU A 1 2  ? 3.201   -1.698  11.277  1.00 20.23 ? 2   GLU A C   1 
ATOM   12  O  O   . GLU A 1 2  ? 2.148   -1.023  11.126  1.00 21.13 ? 2   GLU A O   1 
ATOM   13  C  CB  . GLU A 1 2  ? 2.886   -4.205  11.177  1.00 19.19 ? 2   GLU A CB  1 
ATOM   14  C  CG  . GLU A 1 2  ? 1.370   -4.110  11.407  1.00 23.03 ? 2   GLU A CG  1 
ATOM   15  C  CD  . GLU A 1 2  ? 0.811   -5.267  12.215  1.00 24.01 ? 2   GLU A CD  1 
ATOM   16  O  OE1 . GLU A 1 2  ? 1.315   -6.408  12.086  1.00 27.42 ? 2   GLU A OE1 1 
ATOM   17  O  OE2 . GLU A 1 2  ? -0.139  -5.024  12.975  1.00 25.48 ? 2   GLU A OE2 1 
ATOM   18  N  N   . ALA A 1 3  ? 4.127   -1.378  12.187  1.00 15.04 ? 3   ALA A N   1 
ATOM   19  C  CA  . ALA A 1 3  ? 3.926   -0.250  13.081  1.00 14.92 ? 3   ALA A CA  1 
ATOM   20  C  C   . ALA A 1 3  ? 4.016   1.040   12.272  1.00 15.78 ? 3   ALA A C   1 
ATOM   21  O  O   . ALA A 1 3  ? 3.334   2.024   12.559  1.00 16.69 ? 3   ALA A O   1 
ATOM   22  C  CB  . ALA A 1 3  ? 5.002   -0.259  14.211  1.00 19.48 ? 3   ALA A CB  1 
ATOM   23  N  N   . LEU A 1 4  ? 4.902   1.045   11.289  1.00 10.85 ? 4   LEU A N   1 
ATOM   24  C  CA  . LEU A 1 4  ? 5.057   2.187   10.416  1.00 14.08 ? 4   LEU A CA  1 
ATOM   25  C  C   . LEU A 1 4  ? 3.782   2.413   9.537   1.00 13.02 ? 4   LEU A C   1 
ATOM   26  O  O   . LEU A 1 4  ? 3.303   3.546   9.377   1.00 12.56 ? 4   LEU A O   1 
ATOM   27  C  CB  . LEU A 1 4  ? 6.275   1.983   9.529   1.00 12.36 ? 4   LEU A CB  1 
ATOM   28  C  CG  . LEU A 1 4  ? 7.168   3.135   9.054   1.00 19.49 ? 4   LEU A CG  1 
ATOM   29  C  CD1 . LEU A 1 4  ? 7.590   2.917   7.613   1.00 22.39 ? 4   LEU A CD1 1 
ATOM   30  C  CD2 . LEU A 1 4  ? 6.656   4.520   9.241   1.00 16.44 ? 4   LEU A CD2 1 
ATOM   31  N  N   . ALA A 1 5  ? 3.246   1.333   8.998   1.00 13.71 ? 5   ALA A N   1 
ATOM   32  C  CA  . ALA A 1 5  ? 2.072   1.406   8.158   1.00 16.00 ? 5   ALA A CA  1 
ATOM   33  C  C   . ALA A 1 5  ? 0.956   2.052   8.937   1.00 18.77 ? 5   ALA A C   1 
ATOM   34  O  O   . ALA A 1 5  ? 0.262   2.979   8.446   1.00 17.67 ? 5   ALA A O   1 
ATOM   35  C  CB  . ALA A 1 5  ? 1.650   -0.009  7.693   1.00 14.24 ? 5   ALA A CB  1 
ATOM   36  N  N   . LYS A 1 6  ? 0.793   1.585   10.162  1.00 18.57 ? 6   LYS A N   1 
ATOM   37  C  CA  . LYS A 1 6  ? -0.216  2.118   11.057  1.00 19.40 ? 6   LYS A CA  1 
ATOM   38  C  C   . LYS A 1 6  ? 0.070   3.589   11.480  1.00 16.43 ? 6   LYS A C   1 
ATOM   39  O  O   . LYS A 1 6  ? -0.809  4.412   11.463  1.00 15.45 ? 6   LYS A O   1 
ATOM   40  C  CB  . LYS A 1 6  ? -0.418  1.140   12.257  1.00 24.24 ? 6   LYS A CB  1 
ATOM   41  C  CG  . LYS A 1 6  ? -0.992  1.732   13.477  1.00 31.23 ? 6   LYS A CG  1 
ATOM   42  C  CD  . LYS A 1 6  ? -2.492  1.701   13.432  1.00 39.26 ? 6   LYS A CD  1 
ATOM   43  C  CE  . LYS A 1 6  ? -3.098  2.243   14.730  1.00 42.95 ? 6   LYS A CE  1 
ATOM   44  N  NZ  . LYS A 1 6  ? -4.596  2.205   14.673  1.00 46.12 ? 6   LYS A NZ  1 
ATOM   45  N  N   . ALA A 1 7  ? 1.314   3.923   11.755  1.00 17.25 ? 7   ALA A N   1 
ATOM   46  C  CA  . ALA A 1 7  ? 1.658   5.314   12.084  1.00 14.90 ? 7   ALA A CA  1 
ATOM   47  C  C   . ALA A 1 7  ? 1.378   6.230   10.922  1.00 14.53 ? 7   ALA A C   1 
ATOM   48  O  O   . ALA A 1 7  ? 1.161   7.393   11.121  1.00 13.74 ? 7   ALA A O   1 
ATOM   49  C  CB  . ALA A 1 7  ? 3.158   5.446   12.505  1.00 12.50 ? 7   ALA A CB  1 
ATOM   50  N  N   . LYS A 1 8  ? 1.438   5.718   9.686   1.00 17.19 ? 8   LYS A N   1 
ATOM   51  C  CA  . LYS A 1 8  ? 1.194   6.598   8.536   1.00 16.27 ? 8   LYS A CA  1 
ATOM   52  C  C   . LYS A 1 8  ? -0.236  6.621   8.020   1.00 14.31 ? 8   LYS A C   1 
ATOM   53  O  O   . LYS A 1 8  ? -0.488  7.138   6.931   1.00 12.16 ? 8   LYS A O   1 
ATOM   54  C  CB  . LYS A 1 8  ? 2.203   6.396   7.409   1.00 14.86 ? 8   LYS A CB  1 
ATOM   55  C  CG  . LYS A 1 8  ? 3.645   6.580   7.815   1.00 18.71 ? 8   LYS A CG  1 
ATOM   56  C  CD  . LYS A 1 8  ? 3.857   7.922   8.371   1.00 19.69 ? 8   LYS A CD  1 
ATOM   57  C  CE  . LYS A 1 8  ? 5.211   8.049   9.039   1.00 22.99 ? 8   LYS A CE  1 
ATOM   58  N  NZ  . LYS A 1 8  ? 5.526   9.514   9.143   1.00 26.98 ? 8   LYS A NZ  1 
ATOM   59  N  N   . GLY A 1 9  ? -1.152  6.098   8.837   1.00 13.24 ? 9   GLY A N   1 
ATOM   60  C  CA  . GLY A 1 9  ? -2.583  6.110   8.506   1.00 14.71 ? 9   GLY A CA  1 
ATOM   61  C  C   . GLY A 1 9  ? -3.136  5.069   7.532   1.00 13.52 ? 9   GLY A C   1 
ATOM   62  O  O   . GLY A 1 9  ? -4.330  5.083   7.204   1.00 8.96  ? 9   GLY A O   1 
ATOM   63  N  N   . CYS A 1 10 ? -2.228  4.222   7.049   1.00 12.28 ? 10  CYS A N   1 
ATOM   64  C  CA  . CYS A 1 10 ? -2.559  3.214   6.100   1.00 11.24 ? 10  CYS A CA  1 
ATOM   65  C  C   . CYS A 1 10 ? -3.637  2.279   6.482   1.00 15.81 ? 10  CYS A C   1 
ATOM   66  O  O   . CYS A 1 10 ? -4.390  1.818   5.601   1.00 14.47 ? 10  CYS A O   1 
ATOM   67  C  CB  . CYS A 1 10 ? -1.318  2.392   5.772   1.00 12.61 ? 10  CYS A CB  1 
ATOM   68  S  SG  . CYS A 1 10 ? 0.086   3.357   5.225   1.00 10.62 ? 10  CYS A SG  1 
ATOM   69  N  N   . MET A 1 11 ? -3.703  1.935   7.780   1.00 13.28 ? 11  MET A N   1 
ATOM   70  C  CA  . MET A 1 11 ? -4.580  0.834   8.227   1.00 15.63 ? 11  MET A CA  1 
ATOM   71  C  C   . MET A 1 11 ? -5.949  1.287   8.509   1.00 16.43 ? 11  MET A C   1 
ATOM   72  O  O   . MET A 1 11 ? -6.775  0.482   8.944   1.00 18.24 ? 11  MET A O   1 
ATOM   73  C  CB  . MET A 1 11 ? -4.075  0.126   9.463   1.00 19.12 ? 11  MET A CB  1 
ATOM   74  C  CG  . MET A 1 11 ? -2.601  0.143   9.617   1.00 28.69 ? 11  MET A CG  1 
ATOM   75  S  SD  . MET A 1 11 ? -1.822  -1.076  8.647   1.00 33.71 ? 11  MET A SD  1 
ATOM   76  C  CE  . MET A 1 11 ? -2.339  -2.604  9.463   1.00 32.00 ? 11  MET A CE  1 
ATOM   77  N  N   . ALA A 1 12 ? -6.235  2.529   8.110   1.00 14.49 ? 12  ALA A N   1 
ATOM   78  C  CA  . ALA A 1 12 ? -7.595  3.002   8.170   1.00 17.19 ? 12  ALA A CA  1 
ATOM   79  C  C   . ALA A 1 12 ? -8.291  2.346   7.011   1.00 19.21 ? 12  ALA A C   1 
ATOM   80  O  O   . ALA A 1 12 ? -9.469  2.071   7.089   1.00 22.35 ? 12  ALA A O   1 
ATOM   81  C  CB  . ALA A 1 12 ? -7.665  4.534   8.035   1.00 18.98 ? 12  ALA A CB  1 
ATOM   82  N  N   . CYS A 1 13 ? -7.575  2.245   5.875   1.00 19.78 ? 13  CYS A N   1 
ATOM   83  C  CA  . CYS A 1 13 ? -8.212  1.805   4.627   1.00 15.36 ? 13  CYS A CA  1 
ATOM   84  C  C   . CYS A 1 13 ? -7.821  0.396   4.181   1.00 15.64 ? 13  CYS A C   1 
ATOM   85  O  O   . CYS A 1 13 ? -8.314  -0.070  3.181   1.00 17.35 ? 13  CYS A O   1 
ATOM   86  C  CB  . CYS A 1 13 ? -7.818  2.784   3.547   1.00 15.99 ? 13  CYS A CB  1 
ATOM   87  S  SG  . CYS A 1 13 ? -8.512  4.466   3.497   1.00 16.33 ? 13  CYS A SG  1 
ATOM   88  N  N   . HIS A 1 14 ? -6.833  -0.204  4.851   1.00 12.70 ? 14  HIS A N   1 
ATOM   89  C  CA  . HIS A 1 14 ? -6.259  -1.476  4.438   1.00 14.51 ? 14  HIS A CA  1 
ATOM   90  C  C   . HIS A 1 14 ? -6.079  -2.316  5.696   1.00 15.44 ? 14  HIS A C   1 
ATOM   91  O  O   . HIS A 1 14 ? -5.595  -1.812  6.707   1.00 18.02 ? 14  HIS A O   1 
ATOM   92  C  CB  . HIS A 1 14 ? -4.835  -1.311  3.818   1.00 12.35 ? 14  HIS A CB  1 
ATOM   93  C  CG  . HIS A 1 14 ? -4.799  -0.601  2.504   1.00 10.79 ? 14  HIS A CG  1 
ATOM   94  N  ND1 . HIS A 1 14 ? -5.079  -1.236  1.310   1.00 8.10  ? 14  HIS A ND1 1 
ATOM   95  C  CD2 . HIS A 1 14 ? -4.354  0.638   2.173   1.00 10.35 ? 14  HIS A CD2 1 
ATOM   96  C  CE1 . HIS A 1 14 ? -4.886  -0.394  0.307   1.00 9.23  ? 14  HIS A CE1 1 
ATOM   97  N  NE2 . HIS A 1 14 ? -4.470  0.762   0.802   1.00 8.91  ? 14  HIS A NE2 1 
ATOM   98  N  N   . ALA A 1 15 ? -6.290  -3.615  5.571   1.00 13.72 ? 15  ALA A N   1 
ATOM   99  C  CA  . ALA A 1 15 ? -5.957  -4.551  6.619   1.00 16.35 ? 15  ALA A CA  1 
ATOM   100 C  C   . ALA A 1 15 ? -5.133  -5.672  6.021   1.00 15.91 ? 15  ALA A C   1 
ATOM   101 O  O   . ALA A 1 15 ? -5.136  -5.877  4.828   1.00 19.27 ? 15  ALA A O   1 
ATOM   102 C  CB  . ALA A 1 15 ? -7.253  -5.120  7.269   1.00 16.21 ? 15  ALA A CB  1 
ATOM   103 N  N   . ILE A 1 16 ? -4.458  -6.421  6.869   1.00 18.74 ? 16  ILE A N   1 
ATOM   104 C  CA  . ILE A 1 16 ? -3.654  -7.554  6.423   1.00 19.75 ? 16  ILE A CA  1 
ATOM   105 C  C   . ILE A 1 16 ? -4.515  -8.605  5.684   1.00 22.95 ? 16  ILE A C   1 
ATOM   106 O  O   . ILE A 1 16 ? -4.189  -8.989  4.571   1.00 21.75 ? 16  ILE A O   1 
ATOM   107 C  CB  . ILE A 1 16 ? -2.829  -8.147  7.595   1.00 20.23 ? 16  ILE A CB  1 
ATOM   108 C  CG1 . ILE A 1 16 ? -1.861  -7.074  8.134   1.00 19.87 ? 16  ILE A CG1 1 
ATOM   109 C  CG2 . ILE A 1 16 ? -2.065  -9.441  7.174   1.00 19.33 ? 16  ILE A CG2 1 
ATOM   110 C  CD1 . ILE A 1 16 ? -0.887  -7.594  9.132   1.00 19.76 ? 16  ILE A CD1 1 
ATOM   111 N  N   . ASP A 1 17 ? -5.511  -9.133  6.381   1.00 27.21 ? 17  ASP A N   1 
ATOM   112 C  CA  . ASP A 1 17 ? -6.345  -10.229 5.892   1.00 33.32 ? 17  ASP A CA  1 
ATOM   113 C  C   . ASP A 1 17 ? -7.796  -10.022 5.418   1.00 35.24 ? 17  ASP A C   1 
ATOM   114 O  O   . ASP A 1 17 ? -8.458  -10.976 5.053   1.00 37.85 ? 17  ASP A O   1 
ATOM   115 C  CB  . ASP A 1 17 ? -6.310  -11.219 7.079   1.00 39.81 ? 17  ASP A CB  1 
ATOM   116 C  CG  . ASP A 1 17 ? -5.990  -10.511 8.445   1.00 48.05 ? 17  ASP A CG  1 
ATOM   117 O  OD1 . ASP A 1 17 ? -4.887  -10.809 9.025   1.00 49.88 ? 17  ASP A OD1 1 
ATOM   118 O  OD2 . ASP A 1 17 ? -6.778  -9.583  8.881   1.00 46.83 ? 17  ASP A OD2 1 
ATOM   119 N  N   . LYS A 1 18 ? -8.255  -8.771  5.368   1.00 32.48 ? 18  LYS A N   1 
ATOM   120 C  CA  . LYS A 1 18 ? -9.615  -8.504  4.872   1.00 32.37 ? 18  LYS A CA  1 
ATOM   121 C  C   . LYS A 1 18 ? -9.687  -7.177  4.142   1.00 31.49 ? 18  LYS A C   1 
ATOM   122 O  O   . LYS A 1 18 ? -8.760  -6.345  4.243   1.00 26.21 ? 18  LYS A O   1 
ATOM   123 C  CB  . LYS A 1 18 ? -10.722 -8.594  5.915   1.00 33.33 ? 18  LYS A CB  1 
ATOM   124 C  CG  . LYS A 1 18 ? -10.390 -7.965  7.213   1.00 37.20 ? 18  LYS A CG  1 
ATOM   125 C  CD  . LYS A 1 18 ? -10.651 -8.952  8.350   1.00 43.03 ? 18  LYS A CD  1 
ATOM   126 C  CE  . LYS A 1 18 ? -12.128 -8.992  8.692   1.00 47.11 ? 18  LYS A CE  1 
ATOM   127 N  NZ  . LYS A 1 18 ? -12.721 -7.597  8.700   1.00 48.62 ? 18  LYS A NZ  1 
ATOM   128 N  N   . LYS A 1 19 ? -10.737 -7.022  3.322   1.00 31.23 ? 19  LYS A N   1 
ATOM   129 C  CA  . LYS A 1 19 ? -10.917 -5.792  2.560   1.00 34.52 ? 19  LYS A CA  1 
ATOM   130 C  C   . LYS A 1 19 ? -11.736 -4.735  3.302   1.00 31.04 ? 19  LYS A C   1 
ATOM   131 O  O   . LYS A 1 19 ? -12.641 -5.036  4.039   1.00 27.79 ? 19  LYS A O   1 
ATOM   132 C  CB  . LYS A 1 19 ? -11.446 -6.034  1.125   1.00 37.08 ? 19  LYS A CB  1 
ATOM   133 C  CG  . LYS A 1 19 ? -12.418 -7.149  1.015   1.00 43.07 ? 19  LYS A CG  1 
ATOM   134 C  CD  . LYS A 1 19 ? -13.717 -6.742  0.262   1.00 44.45 ? 19  LYS A CD  1 
ATOM   135 C  CE  . LYS A 1 19 ? -14.944 -7.510  0.855   1.00 43.74 ? 19  LYS A CE  1 
ATOM   136 N  NZ  . LYS A 1 19 ? -15.974 -7.896  -0.163  1.00 41.65 ? 19  LYS A NZ  1 
ATOM   137 N  N   . LEU A 1 20 ? -11.328 -3.499  3.112   1.00 29.32 ? 20  LEU A N   1 
ATOM   138 C  CA  . LEU A 1 20 ? -11.861 -2.363  3.766   1.00 23.17 ? 20  LEU A CA  1 
ATOM   139 C  C   . LEU A 1 20 ? -12.116 -1.500  2.553   1.00 22.08 ? 20  LEU A C   1 
ATOM   140 O  O   . LEU A 1 20 ? -12.434 -2.023  1.502   1.00 23.22 ? 20  LEU A O   1 
ATOM   141 C  CB  . LEU A 1 20 ? -10.874 -1.717  4.727   1.00 22.21 ? 20  LEU A CB  1 
ATOM   142 C  CG  . LEU A 1 20 ? -10.285 -2.597  5.868   1.00 20.03 ? 20  LEU A CG  1 
ATOM   143 C  CD1 . LEU A 1 20 ? -9.767  -1.708  6.949   1.00 20.43 ? 20  LEU A CD1 1 
ATOM   144 C  CD2 . LEU A 1 20 ? -11.308 -3.584  6.485   1.00 22.08 ? 20  LEU A CD2 1 
ATOM   145 N  N   . VAL A 1 21 ? -11.803 -0.223  2.622   1.00 21.39 ? 21  VAL A N   1 
ATOM   146 C  CA  . VAL A 1 21 ? -11.827 0.590   1.415   1.00 22.62 ? 21  VAL A CA  1 
ATOM   147 C  C   . VAL A 1 21 ? -10.838 0.063   0.300   1.00 23.08 ? 21  VAL A C   1 
ATOM   148 O  O   . VAL A 1 21 ? -11.175 0.057   -0.916  1.00 20.48 ? 21  VAL A O   1 
ATOM   149 C  CB  . VAL A 1 21 ? -11.516 2.030   1.738   1.00 22.70 ? 21  VAL A CB  1 
ATOM   150 C  CG1 . VAL A 1 21 ? -11.966 2.921   0.626   1.00 26.36 ? 21  VAL A CG1 1 
ATOM   151 C  CG2 . VAL A 1 21 ? -12.197 2.421   3.060   1.00 27.17 ? 21  VAL A CG2 1 
ATOM   152 N  N   . GLY A 1 22 ? -9.591  -0.231  0.688   1.00 18.55 ? 22  GLY A N   1 
ATOM   153 C  CA  . GLY A 1 22 ? -8.591  -0.641  -0.287  1.00 13.23 ? 22  GLY A CA  1 
ATOM   154 C  C   . GLY A 1 22 ? -8.391  -2.114  -0.150  1.00 15.01 ? 22  GLY A C   1 
ATOM   155 O  O   . GLY A 1 22 ? -8.939  -2.755  0.820   1.00 16.13 ? 22  GLY A O   1 
ATOM   156 N  N   . PRO A 1 23 ? -7.592  -2.698  -1.059  1.00 13.95 ? 23  PRO A N   1 
ATOM   157 C  CA  . PRO A 1 23 ? -7.371  -4.141  -0.994  1.00 12.74 ? 23  PRO A CA  1 
ATOM   158 C  C   . PRO A 1 23 ? -6.620  -4.532  0.287   1.00 15.41 ? 23  PRO A C   1 
ATOM   159 O  O   . PRO A 1 23 ? -5.816  -3.735  0.840   1.00 13.49 ? 23  PRO A O   1 
ATOM   160 C  CB  . PRO A 1 23 ? -6.522  -4.423  -2.251  1.00 10.82 ? 23  PRO A CB  1 
ATOM   161 C  CG  . PRO A 1 23 ? -5.840  -3.112  -2.537  1.00 11.56 ? 23  PRO A CG  1 
ATOM   162 C  CD  . PRO A 1 23 ? -6.918  -2.094  -2.221  1.00 11.92 ? 23  PRO A CD  1 
ATOM   163 N  N   . SER A 1 24 ? -6.795  -5.798  0.645   1.00 13.00 ? 24  SER A N   1 
ATOM   164 C  CA  . SER A 1 24 ? -6.051  -6.362  1.750   1.00 16.38 ? 24  SER A CA  1 
ATOM   165 C  C   . SER A 1 24 ? -4.601  -6.379  1.278   1.00 14.73 ? 24  SER A C   1 
ATOM   166 O  O   . SER A 1 24 ? -4.329  -6.473  0.074   1.00 15.22 ? 24  SER A O   1 
ATOM   167 C  CB  . SER A 1 24 ? -6.554  -7.793  2.051   1.00 16.49 ? 24  SER A CB  1 
ATOM   168 O  OG  . SER A 1 24 ? -5.954  -8.768  1.231   1.00 17.53 ? 24  SER A OG  1 
ATOM   169 N  N   . TYR A 1 25 ? -3.680  -6.340  2.239   1.00 14.37 ? 25  TYR A N   1 
ATOM   170 C  CA  . TYR A 1 25 ? -2.261  -6.398  1.954   1.00 14.18 ? 25  TYR A CA  1 
ATOM   171 C  C   . TYR A 1 25 ? -1.896  -7.786  1.449   1.00 13.39 ? 25  TYR A C   1 
ATOM   172 O  O   . TYR A 1 25 ? -1.003  -7.921  0.669   1.00 13.13 ? 25  TYR A O   1 
ATOM   173 C  CB  . TYR A 1 25 ? -1.451  -6.065  3.199   1.00 18.57 ? 25  TYR A CB  1 
ATOM   174 C  CG  . TYR A 1 25 ? -1.452  -4.589  3.518   1.00 19.71 ? 25  TYR A CG  1 
ATOM   175 C  CD1 . TYR A 1 25 ? -1.488  -4.156  4.827   1.00 18.68 ? 25  TYR A CD1 1 
ATOM   176 C  CD2 . TYR A 1 25 ? -1.492  -3.634  2.500   1.00 18.23 ? 25  TYR A CD2 1 
ATOM   177 C  CE1 . TYR A 1 25 ? -1.532  -2.826  5.129   1.00 19.50 ? 25  TYR A CE1 1 
ATOM   178 C  CE2 . TYR A 1 25 ? -1.449  -2.284  2.792   1.00 19.43 ? 25  TYR A CE2 1 
ATOM   179 C  CZ  . TYR A 1 25 ? -1.469  -1.900  4.119   1.00 21.75 ? 25  TYR A CZ  1 
ATOM   180 O  OH  . TYR A 1 25 ? -1.485  -0.587  4.465   1.00 26.82 ? 25  TYR A OH  1 
ATOM   181 N  N   . LYS A 1 26 ? -2.625  -8.808  1.876   1.00 13.41 ? 26  LYS A N   1 
ATOM   182 C  CA  . LYS A 1 26 ? -2.376  -10.172 1.388   1.00 19.97 ? 26  LYS A CA  1 
ATOM   183 C  C   . LYS A 1 26 ? -2.723  -10.316 -0.108  1.00 16.68 ? 26  LYS A C   1 
ATOM   184 O  O   . LYS A 1 26 ? -2.019  -10.985 -0.836  1.00 17.51 ? 26  LYS A O   1 
ATOM   185 C  CB  . LYS A 1 26 ? -3.155  -11.208 2.222   1.00 21.99 ? 26  LYS A CB  1 
ATOM   186 C  CG  . LYS A 1 26 ? -2.473  -11.673 3.508   1.00 25.96 ? 26  LYS A CG  1 
ATOM   187 C  CD  . LYS A 1 26 ? -3.278  -12.858 4.117   1.00 28.84 ? 26  LYS A CD  1 
ATOM   188 C  CE  . LYS A 1 26 ? -2.500  -13.620 5.207   1.00 34.43 ? 26  LYS A CE  1 
ATOM   189 N  NZ  . LYS A 1 26 ? -1.360  -14.440 4.660   1.00 39.12 ? 26  LYS A NZ  1 
ATOM   190 N  N   . ASP A 1 27 ? -3.751  -9.585  -0.554  1.00 16.62 ? 27  ASP A N   1 
ATOM   191 C  CA  . ASP A 1 27 ? -4.123  -9.564  -1.997  1.00 17.62 ? 27  ASP A CA  1 
ATOM   192 C  C   . ASP A 1 27 ? -3.095  -8.760  -2.809  1.00 16.23 ? 27  ASP A C   1 
ATOM   193 O  O   . ASP A 1 27 ? -2.786  -9.109  -3.969  1.00 18.46 ? 27  ASP A O   1 
ATOM   194 C  CB  . ASP A 1 27 ? -5.510  -8.914  -2.199  1.00 13.93 ? 27  ASP A CB  1 
ATOM   195 C  CG  . ASP A 1 27 ? -6.665  -9.932  -2.205  1.00 14.35 ? 27  ASP A CG  1 
ATOM   196 O  OD1 . ASP A 1 27 ? -7.811  -9.493  -2.472  1.00 18.47 ? 27  ASP A OD1 1 
ATOM   197 O  OD2 . ASP A 1 27 ? -6.449  -11.143 -1.915  1.00 16.45 ? 27  ASP A OD2 1 
ATOM   198 N  N   . VAL A 1 28 ? -2.535  -7.726  -2.171  1.00 15.41 ? 28  VAL A N   1 
ATOM   199 C  CA  . VAL A 1 28 ? -1.504  -6.918  -2.836  1.00 13.82 ? 28  VAL A CA  1 
ATOM   200 C  C   . VAL A 1 28 ? -0.281  -7.815  -3.014  1.00 14.63 ? 28  VAL A C   1 
ATOM   201 O  O   . VAL A 1 28 ? 0.217   -7.930  -4.117  1.00 15.54 ? 28  VAL A O   1 
ATOM   202 C  CB  . VAL A 1 28 ? -1.134  -5.603  -2.085  1.00 12.32 ? 28  VAL A CB  1 
ATOM   203 C  CG1 . VAL A 1 28 ? 0.189   -4.942  -2.723  1.00 9.35  ? 28  VAL A CG1 1 
ATOM   204 C  CG2 . VAL A 1 28 ? -2.328  -4.585  -2.139  1.00 6.46  ? 28  VAL A CG2 1 
ATOM   205 N  N   . ALA A 1 29 ? 0.147   -8.501  -1.946  1.00 10.84 ? 29  ALA A N   1 
ATOM   206 C  CA  . ALA A 1 29 ? 1.267   -9.453  -2.036  1.00 13.33 ? 29  ALA A CA  1 
ATOM   207 C  C   . ALA A 1 29 ? 1.032   -10.567 -3.100  1.00 18.11 ? 29  ALA A C   1 
ATOM   208 O  O   . ALA A 1 29 ? 1.978   -11.053 -3.706  1.00 19.63 ? 29  ALA A O   1 
ATOM   209 C  CB  . ALA A 1 29 ? 1.523   -10.072 -0.690  1.00 11.82 ? 29  ALA A CB  1 
ATOM   210 N  N   . LYS A 1 30 ? -0.227  -10.984 -3.293  1.00 19.81 ? 30  LYS A N   1 
ATOM   211 C  CA  . LYS A 1 30 ? -0.575  -12.014 -4.290  1.00 20.37 ? 30  LYS A CA  1 
ATOM   212 C  C   . LYS A 1 30 ? -0.525  -11.479 -5.732  1.00 20.01 ? 30  LYS A C   1 
ATOM   213 O  O   . LYS A 1 30 ? -0.205  -12.193 -6.668  1.00 20.97 ? 30  LYS A O   1 
ATOM   214 C  CB  . LYS A 1 30 ? -1.964  -12.594 -3.997  1.00 16.18 ? 30  LYS A CB  1 
ATOM   215 C  CG  . LYS A 1 30 ? -1.931  -13.733 -2.999  1.00 18.82 ? 30  LYS A CG  1 
ATOM   216 C  CD  . LYS A 1 30 ? -3.353  -14.051 -2.439  1.00 18.91 ? 30  LYS A CD  1 
ATOM   217 C  CE  . LYS A 1 30 ? -3.247  -14.762 -1.106  1.00 21.84 ? 30  LYS A CE  1 
ATOM   218 N  NZ  . LYS A 1 30 ? -4.636  -15.035 -0.534  1.00 27.63 ? 30  LYS A NZ  1 
ATOM   219 N  N   . LYS A 1 31 ? -0.785  -10.203 -5.895  1.00 20.36 ? 31  LYS A N   1 
ATOM   220 C  CA  . LYS A 1 31 ? -0.773  -9.646  -7.199  1.00 18.96 ? 31  LYS A CA  1 
ATOM   221 C  C   . LYS A 1 31 ? 0.633   -9.218  -7.656  1.00 21.55 ? 31  LYS A C   1 
ATOM   222 O  O   . LYS A 1 31 ? 0.927   -9.246  -8.831  1.00 19.12 ? 31  LYS A O   1 
ATOM   223 C  CB  . LYS A 1 31 ? -1.742  -8.487  -7.267  1.00 22.65 ? 31  LYS A CB  1 
ATOM   224 C  CG  . LYS A 1 31 ? -2.158  -8.118  -8.673  1.00 28.05 ? 31  LYS A CG  1 
ATOM   225 C  CD  . LYS A 1 31 ? -3.482  -7.350  -8.654  1.00 32.75 ? 31  LYS A CD  1 
ATOM   226 C  CE  . LYS A 1 31 ? -3.668  -6.484  -9.923  1.00 36.76 ? 31  LYS A CE  1 
ATOM   227 N  NZ  . LYS A 1 31 ? -2.426  -5.663  -10.290 1.00 37.55 ? 31  LYS A NZ  1 
ATOM   228 N  N   . TYR A 1 32 ? 1.490   -8.790  -6.726  1.00 20.61 ? 32  TYR A N   1 
ATOM   229 C  CA  . TYR A 1 32 ? 2.789   -8.240  -7.133  1.00 19.38 ? 32  TYR A CA  1 
ATOM   230 C  C   . TYR A 1 32 ? 3.936   -9.045  -6.603  1.00 20.19 ? 32  TYR A C   1 
ATOM   231 O  O   . TYR A 1 32 ? 3.748   -9.900  -5.691  1.00 20.17 ? 32  TYR A O   1 
ATOM   232 C  CB  . TYR A 1 32 ? 2.921   -6.803  -6.673  1.00 16.88 ? 32  TYR A CB  1 
ATOM   233 C  CG  . TYR A 1 32 ? 1.846   -5.929  -7.205  1.00 17.53 ? 32  TYR A CG  1 
ATOM   234 C  CD1 . TYR A 1 32 ? 1.899   -5.453  -8.514  1.00 16.52 ? 32  TYR A CD1 1 
ATOM   235 C  CD2 . TYR A 1 32 ? 0.730   -5.613  -6.426  1.00 13.59 ? 32  TYR A CD2 1 
ATOM   236 C  CE1 . TYR A 1 32 ? 0.893   -4.653  -9.026  1.00 17.69 ? 32  TYR A CE1 1 
ATOM   237 C  CE2 . TYR A 1 32 ? -0.280  -4.788  -6.923  1.00 16.21 ? 32  TYR A CE2 1 
ATOM   238 C  CZ  . TYR A 1 32 ? -0.189  -4.313  -8.218  1.00 15.45 ? 32  TYR A CZ  1 
ATOM   239 O  OH  . TYR A 1 32 ? -1.148  -3.464  -8.693  1.00 17.53 ? 32  TYR A OH  1 
ATOM   240 N  N   . THR A 1 33 ? 5.148   -8.654  -7.025  1.00 15.31 ? 33  THR A N   1 
ATOM   241 C  CA  . THR A 1 33 ? 6.360   -9.212  -6.403  1.00 18.25 ? 33  THR A CA  1 
ATOM   242 C  C   . THR A 1 33 ? 7.329   -8.051  -6.071  1.00 18.66 ? 33  THR A C   1 
ATOM   243 O  O   . THR A 1 33 ? 7.062   -6.896  -6.418  1.00 16.26 ? 33  THR A O   1 
ATOM   244 C  CB  . THR A 1 33 ? 7.099   -10.169 -7.285  1.00 16.91 ? 33  THR A CB  1 
ATOM   245 O  OG1 . THR A 1 33 ? 7.634   -9.427  -8.378  1.00 23.15 ? 33  THR A OG1 1 
ATOM   246 C  CG2 . THR A 1 33 ? 6.179   -11.289 -7.802  1.00 16.19 ? 33  THR A CG2 1 
ATOM   247 N  N   . GLU A 1 34 ? 8.489   -8.380  -5.506  1.00 13.41 ? 34  GLU A N   1 
ATOM   248 C  CA  . GLU A 1 34 ? 9.490   -7.341  -5.228  1.00 17.59 ? 34  GLU A CA  1 
ATOM   249 C  C   . GLU A 1 34 ? 9.915   -6.612  -6.525  1.00 16.11 ? 34  GLU A C   1 
ATOM   250 O  O   . GLU A 1 34 ? 10.506  -5.545  -6.473  1.00 15.47 ? 34  GLU A O   1 
ATOM   251 C  CB  . GLU A 1 34 ? 10.705  -7.915  -4.524  1.00 14.75 ? 34  GLU A CB  1 
ATOM   252 C  CG  . GLU A 1 34 ? 11.363  -9.078  -5.284  1.00 17.82 ? 34  GLU A CG  1 
ATOM   253 C  CD  . GLU A 1 34 ? 10.814  -10.491 -4.874  1.00 19.18 ? 34  GLU A CD  1 
ATOM   254 O  OE1 . GLU A 1 34 ? 9.716   -10.591 -4.277  1.00 19.45 ? 34  GLU A OE1 1 
ATOM   255 O  OE2 . GLU A 1 34 ? 11.501  -11.490 -5.165  1.00 14.50 ? 34  GLU A OE2 1 
ATOM   256 N  N   . ALA A 1 35 ? 9.573   -7.179  -7.674  1.00 13.90 ? 35  ALA A N   1 
ATOM   257 C  CA  . ALA A 1 35 ? 9.940   -6.566  -8.943  1.00 15.83 ? 35  ALA A CA  1 
ATOM   258 C  C   . ALA A 1 35 ? 9.220   -5.276  -9.075  1.00 18.47 ? 35  ALA A C   1 
ATOM   259 O  O   . ALA A 1 35 ? 9.656   -4.408  -9.837  1.00 18.83 ? 35  ALA A O   1 
ATOM   260 C  CB  . ALA A 1 35 ? 9.618   -7.463  -10.114 1.00 14.23 ? 35  ALA A CB  1 
ATOM   261 N  N   . ASP A 1 36 ? 8.015   -5.227  -8.439  1.00 17.10 ? 36  ASP A N   1 
ATOM   262 C  CA  . ASP A 1 36 ? 7.107   -4.075  -8.607  1.00 16.24 ? 36  ASP A CA  1 
ATOM   263 C  C   . ASP A 1 36 ? 7.208   -2.942  -7.597  1.00 13.54 ? 36  ASP A C   1 
ATOM   264 O  O   . ASP A 1 36 ? 6.343   -2.110  -7.540  1.00 10.21 ? 36  ASP A O   1 
ATOM   265 C  CB  . ASP A 1 36 ? 5.663   -4.622  -8.599  1.00 18.20 ? 36  ASP A CB  1 
ATOM   266 C  CG  . ASP A 1 36 ? 5.409   -5.605  -9.713  1.00 18.15 ? 36  ASP A CG  1 
ATOM   267 O  OD1 . ASP A 1 36 ? 5.066   -6.767  -9.404  1.00 15.44 ? 36  ASP A OD1 1 
ATOM   268 O  OD2 . ASP A 1 36 ? 5.545   -5.205  -10.898 1.00 21.57 ? 36  ASP A OD2 1 
ATOM   269 N  N   . VAL A 1 37 ? 8.202   -2.990  -6.726  1.00 12.39 ? 37  VAL A N   1 
ATOM   270 C  CA  . VAL A 1 37 ? 8.294   -2.005  -5.654  1.00 13.20 ? 37  VAL A CA  1 
ATOM   271 C  C   . VAL A 1 37 ? 8.268   -0.559  -6.148  1.00 15.56 ? 37  VAL A C   1 
ATOM   272 O  O   . VAL A 1 37 ? 7.569   0.266   -5.560  1.00 19.01 ? 37  VAL A O   1 
ATOM   273 C  CB  . VAL A 1 37 ? 9.515   -2.232  -4.734  1.00 10.71 ? 37  VAL A CB  1 
ATOM   274 C  CG1 . VAL A 1 37 ? 9.780   -0.952  -3.820  1.00 7.46  ? 37  VAL A CG1 1 
ATOM   275 C  CG2 . VAL A 1 37 ? 9.300   -3.474  -3.862  1.00 14.31 ? 37  VAL A CG2 1 
ATOM   276 N  N   . PRO A 1 38 ? 9.079   -0.220  -7.193  1.00 18.88 ? 38  PRO A N   1 
ATOM   277 C  CA  . PRO A 1 38 ? 9.125   1.220   -7.601  1.00 19.03 ? 38  PRO A CA  1 
ATOM   278 C  C   . PRO A 1 38 ? 7.785   1.705   -8.031  1.00 19.42 ? 38  PRO A C   1 
ATOM   279 O  O   . PRO A 1 38 ? 7.455   2.867   -7.795  1.00 22.52 ? 38  PRO A O   1 
ATOM   280 C  CB  . PRO A 1 38 ? 10.082  1.230   -8.829  1.00 21.55 ? 38  PRO A CB  1 
ATOM   281 C  CG  . PRO A 1 38 ? 10.918  -0.037  -8.696  1.00 22.01 ? 38  PRO A CG  1 
ATOM   282 C  CD  . PRO A 1 38 ? 10.041  -1.058  -7.953  1.00 20.02 ? 38  PRO A CD  1 
ATOM   283 N  N   . LYS A 1 39 ? 7.046   0.841   -8.750  1.00 18.54 ? 39  LYS A N   1 
ATOM   284 C  CA  . LYS A 1 39 ? 5.681   1.153   -9.276  1.00 21.26 ? 39  LYS A CA  1 
ATOM   285 C  C   . LYS A 1 39 ? 4.660   1.399   -8.156  1.00 17.65 ? 39  LYS A C   1 
ATOM   286 O  O   . LYS A 1 39 ? 3.936   2.398   -8.160  1.00 17.71 ? 39  LYS A O   1 
ATOM   287 C  CB  . LYS A 1 39 ? 5.206   -0.007  -10.188 1.00 27.03 ? 39  LYS A CB  1 
ATOM   288 C  CG  . LYS A 1 39 ? 3.756   0.062   -10.625 1.00 33.02 ? 39  LYS A CG  1 
ATOM   289 C  CD  . LYS A 1 39 ? 3.052   -1.338  -10.531 1.00 36.70 ? 39  LYS A CD  1 
ATOM   290 C  CE  . LYS A 1 39 ? 3.505   -2.316  -11.631 1.00 40.00 ? 39  LYS A CE  1 
ATOM   291 N  NZ  . LYS A 1 39 ? 3.094   -1.811  -12.983 1.00 45.07 ? 39  LYS A NZ  1 
ATOM   292 N  N   . LEU A 1 40 ? 4.677   0.538   -7.149  1.00 14.28 ? 40  LEU A N   1 
ATOM   293 C  CA  . LEU A 1 40 ? 3.753   0.678   -6.023  1.00 13.39 ? 40  LEU A CA  1 
ATOM   294 C  C   . LEU A 1 40 ? 4.020   1.928   -5.206  1.00 15.49 ? 40  LEU A C   1 
ATOM   295 O  O   . LEU A 1 40 ? 3.083   2.561   -4.697  1.00 18.55 ? 40  LEU A O   1 
ATOM   296 C  CB  . LEU A 1 40 ? 3.807   -0.572  -5.114  1.00 12.63 ? 40  LEU A CB  1 
ATOM   297 C  CG  . LEU A 1 40 ? 3.315   -1.800  -5.827  1.00 11.54 ? 40  LEU A CG  1 
ATOM   298 C  CD1 . LEU A 1 40 ? 3.500   -3.038  -4.957  1.00 15.07 ? 40  LEU A CD1 1 
ATOM   299 C  CD2 . LEU A 1 40 ? 1.870   -1.596  -6.157  1.00 14.79 ? 40  LEU A CD2 1 
ATOM   300 N  N   . VAL A 1 41 ? 5.299   2.206   -4.969  1.00 14.03 ? 41  VAL A N   1 
ATOM   301 C  CA  . VAL A 1 41 ? 5.687   3.381   -4.258  1.00 15.65 ? 41  VAL A CA  1 
ATOM   302 C  C   . VAL A 1 41 ? 5.141   4.657   -4.921  1.00 17.92 ? 41  VAL A C   1 
ATOM   303 O  O   . VAL A 1 41 ? 4.622   5.519   -4.229  1.00 19.22 ? 41  VAL A O   1 
ATOM   304 C  CB  . VAL A 1 41 ? 7.259   3.463   -4.092  1.00 17.51 ? 41  VAL A CB  1 
ATOM   305 C  CG1 . VAL A 1 41 ? 7.699   4.891   -3.646  1.00 16.12 ? 41  VAL A CG1 1 
ATOM   306 C  CG2 . VAL A 1 41 ? 7.737   2.416   -3.083  1.00 13.53 ? 41  VAL A CG2 1 
ATOM   307 N  N   . GLU A 1 42 ? 5.243   4.770   -6.248  1.00 18.01 ? 42  GLU A N   1 
ATOM   308 C  CA  . GLU A 1 42 ? 4.658   5.925   -6.978  1.00 23.62 ? 42  GLU A CA  1 
ATOM   309 C  C   . GLU A 1 42 ? 3.123   6.012   -6.800  1.00 20.67 ? 42  GLU A C   1 
ATOM   310 O  O   . GLU A 1 42 ? 2.563   7.098   -6.627  1.00 16.70 ? 42  GLU A O   1 
ATOM   311 C  CB  . GLU A 1 42 ? 5.009   5.889   -8.485  1.00 28.84 ? 42  GLU A CB  1 
ATOM   312 C  CG  . GLU A 1 42 ? 5.846   7.082   -8.975  1.00 41.60 ? 42  GLU A CG  1 
ATOM   313 C  CD  . GLU A 1 42 ? 7.065   7.399   -8.037  1.00 49.08 ? 42  GLU A CD  1 
ATOM   314 O  OE1 . GLU A 1 42 ? 7.990   6.538   -7.894  1.00 52.34 ? 42  GLU A OE1 1 
ATOM   315 O  OE2 . GLU A 1 42 ? 7.077   8.499   -7.421  1.00 51.50 ? 42  GLU A OE2 1 
ATOM   316 N  N   . LYS A 1 43 ? 2.465   4.859   -6.849  1.00 17.00 ? 43  LYS A N   1 
ATOM   317 C  CA  . LYS A 1 43 ? 1.015   4.769   -6.648  1.00 14.99 ? 43  LYS A CA  1 
ATOM   318 C  C   . LYS A 1 43 ? 0.578   5.302   -5.239  1.00 13.99 ? 43  LYS A C   1 
ATOM   319 O  O   . LYS A 1 43 ? -0.430  5.969   -5.097  1.00 14.68 ? 43  LYS A O   1 
ATOM   320 C  CB  . LYS A 1 43 ? 0.560   3.306   -6.868  1.00 15.80 ? 43  LYS A CB  1 
ATOM   321 C  CG  . LYS A 1 43 ? -0.933  3.050   -6.658  1.00 22.68 ? 43  LYS A CG  1 
ATOM   322 C  CD  . LYS A 1 43 ? -1.808  3.942   -7.559  1.00 23.04 ? 43  LYS A CD  1 
ATOM   323 C  CE  . LYS A 1 43 ? -3.288  3.576   -7.413  1.00 21.41 ? 43  LYS A CE  1 
ATOM   324 N  NZ  . LYS A 1 43 ? -3.649  2.289   -8.169  1.00 21.45 ? 43  LYS A NZ  1 
ATOM   325 N  N   . VAL A 1 44 ? 1.321   4.972   -4.207  1.00 15.26 ? 44  VAL A N   1 
ATOM   326 C  CA  . VAL A 1 44 ? 0.972   5.401   -2.870  1.00 12.51 ? 44  VAL A CA  1 
ATOM   327 C  C   . VAL A 1 44 ? 1.193   6.920   -2.813  1.00 18.46 ? 44  VAL A C   1 
ATOM   328 O  O   . VAL A 1 44 ? 0.321   7.677   -2.338  1.00 19.64 ? 44  VAL A O   1 
ATOM   329 C  CB  . VAL A 1 44 ? 1.826   4.695   -1.812  1.00 11.65 ? 44  VAL A CB  1 
ATOM   330 C  CG1 . VAL A 1 44 ? 1.502   5.231   -0.407  1.00 9.09  ? 44  VAL A CG1 1 
ATOM   331 C  CG2 . VAL A 1 44 ? 1.641   3.142   -1.910  1.00 6.47  ? 44  VAL A CG2 1 
ATOM   332 N  N   . LYS A 1 45 ? 2.344   7.360   -3.325  1.00 16.77 ? 45  LYS A N   1 
ATOM   333 C  CA  . LYS A 1 45 ? 2.710   8.749   -3.342  1.00 20.83 ? 45  LYS A CA  1 
ATOM   334 C  C   . LYS A 1 45 ? 1.698   9.635   -4.116  1.00 21.98 ? 45  LYS A C   1 
ATOM   335 O  O   . LYS A 1 45 ? 1.146   10.580  -3.549  1.00 21.78 ? 45  LYS A O   1 
ATOM   336 C  CB  . LYS A 1 45 ? 4.119   8.893   -3.931  1.00 23.67 ? 45  LYS A CB  1 
ATOM   337 C  CG  . LYS A 1 45 ? 4.694   10.293  -3.839  1.00 32.33 ? 45  LYS A CG  1 
ATOM   338 C  CD  . LYS A 1 45 ? 5.720   10.586  -4.977  1.00 36.13 ? 45  LYS A CD  1 
ATOM   339 C  CE  . LYS A 1 45 ? 7.030   9.846   -4.752  1.00 38.94 ? 45  LYS A CE  1 
ATOM   340 N  NZ  . LYS A 1 45 ? 8.103   10.360  -5.671  1.00 38.37 ? 45  LYS A NZ  1 
ATOM   341 N  N   . LYS A 1 46 ? 1.493   9.320   -5.412  1.00 21.59 ? 46  LYS A N   1 
ATOM   342 C  CA  . LYS A 1 46 ? 0.594   10.098  -6.275  1.00 24.28 ? 46  LYS A CA  1 
ATOM   343 C  C   . LYS A 1 46 ? -0.870  9.810   -6.139  1.00 23.52 ? 46  LYS A C   1 
ATOM   344 O  O   . LYS A 1 46 ? -1.700  10.613  -6.557  1.00 24.13 ? 46  LYS A O   1 
ATOM   345 C  CB  . LYS A 1 46 ? 1.010   9.927   -7.738  1.00 30.42 ? 46  LYS A CB  1 
ATOM   346 C  CG  . LYS A 1 46 ? 1.897   11.044  -8.250  1.00 37.68 ? 46  LYS A CG  1 
ATOM   347 C  CD  . LYS A 1 46 ? 2.872   10.549  -9.331  1.00 43.20 ? 46  LYS A CD  1 
ATOM   348 C  CE  . LYS A 1 46 ? 4.130   11.440  -9.381  1.00 48.75 ? 46  LYS A CE  1 
ATOM   349 N  NZ  . LYS A 1 46 ? 5.298   10.786  -10.108 1.00 53.58 ? 46  LYS A NZ  1 
ATOM   350 N  N   . GLY A 1 47 ? -1.197  8.670   -5.529  1.00 22.57 ? 47  GLY A N   1 
ATOM   351 C  CA  . GLY A 1 47 ? -2.577  8.262   -5.339  1.00 20.30 ? 47  GLY A CA  1 
ATOM   352 C  C   . GLY A 1 47 ? -3.113  7.698   -6.641  1.00 22.91 ? 47  GLY A C   1 
ATOM   353 O  O   . GLY A 1 47 ? -2.402  7.647   -7.628  1.00 23.15 ? 47  GLY A O   1 
ATOM   354 N  N   . GLY A 1 48 ? -4.407  7.410   -6.641  1.00 24.39 ? 48  GLY A N   1 
ATOM   355 C  CA  . GLY A 1 48 ? -5.073  6.996   -7.876  1.00 25.97 ? 48  GLY A CA  1 
ATOM   356 C  C   . GLY A 1 48 ? -6.048  5.840   -7.756  1.00 26.38 ? 48  GLY A C   1 
ATOM   357 O  O   . GLY A 1 48 ? -6.225  5.274   -6.675  1.00 24.88 ? 48  GLY A O   1 
ATOM   358 N  N   . ALA A 1 49 ? -6.709  5.539   -8.881  1.00 25.82 ? 49  ALA A N   1 
ATOM   359 C  CA  . ALA A 1 49 ? -7.757  4.523   -8.898  1.00 26.31 ? 49  ALA A CA  1 
ATOM   360 C  C   . ALA A 1 49 ? -7.585  3.506   -10.033 1.00 27.26 ? 49  ALA A C   1 
ATOM   361 O  O   . ALA A 1 49 ? -6.714  3.675   -10.887 1.00 27.56 ? 49  ALA A O   1 
ATOM   362 C  CB  . ALA A 1 49 ? -9.068  5.278   -9.063  1.00 29.66 ? 49  ALA A CB  1 
ATOM   363 N  N   . GLY A 1 50 ? -8.582  2.623   -10.102 1.00 24.34 ? 50  GLY A N   1 
ATOM   364 C  CA  . GLY A 1 50 ? -8.760  1.723   -11.216 1.00 25.68 ? 50  GLY A CA  1 
ATOM   365 C  C   . GLY A 1 50 ? -8.187  0.332   -11.299 1.00 26.92 ? 50  GLY A C   1 
ATOM   366 O  O   . GLY A 1 50 ? -8.687  -0.529  -12.027 1.00 25.65 ? 50  GLY A O   1 
ATOM   367 N  N   . VAL A 1 51 ? -7.152  0.080   -10.525 1.00 24.64 ? 51  VAL A N   1 
ATOM   368 C  CA  . VAL A 1 51 ? -6.599  -1.262  -10.492 1.00 19.77 ? 51  VAL A CA  1 
ATOM   369 C  C   . VAL A 1 51 ? -7.497  -2.243  -9.763  1.00 18.57 ? 51  VAL A C   1 
ATOM   370 O  O   . VAL A 1 51 ? -7.666  -3.376  -10.201 1.00 21.50 ? 51  VAL A O   1 
ATOM   371 C  CB  . VAL A 1 51 ? -5.185  -1.253  -9.928  1.00 20.29 ? 51  VAL A CB  1 
ATOM   372 C  CG1 . VAL A 1 51 ? -4.636  -2.629  -9.896  1.00 19.11 ? 51  VAL A CG1 1 
ATOM   373 C  CG2 . VAL A 1 51 ? -4.311  -0.304  -10.759 1.00 21.03 ? 51  VAL A CG2 1 
ATOM   374 N  N   . TRP A 1 52 ? -8.066  -1.815  -8.636  1.00 18.75 ? 52  TRP A N   1 
ATOM   375 C  CA  . TRP A 1 52 ? -8.939  -2.652  -7.821  1.00 17.19 ? 52  TRP A CA  1 
ATOM   376 C  C   . TRP A 1 52 ? -10.409 -2.183  -7.814  1.00 19.45 ? 52  TRP A C   1 
ATOM   377 O  O   . TRP A 1 52 ? -11.272 -2.825  -7.207  1.00 18.41 ? 52  TRP A O   1 
ATOM   378 C  CB  . TRP A 1 52 ? -8.391  -2.614  -6.385  1.00 15.82 ? 52  TRP A CB  1 
ATOM   379 C  CG  . TRP A 1 52 ? -6.962  -3.150  -6.256  1.00 14.90 ? 52  TRP A CG  1 
ATOM   380 C  CD1 . TRP A 1 52 ? -5.829  -2.451  -6.397  1.00 14.41 ? 52  TRP A CD1 1 
ATOM   381 C  CD2 . TRP A 1 52 ? -6.565  -4.521  -5.963  1.00 15.21 ? 52  TRP A CD2 1 
ATOM   382 N  NE1 . TRP A 1 52 ? -4.726  -3.276  -6.190  1.00 15.81 ? 52  TRP A NE1 1 
ATOM   383 C  CE2 . TRP A 1 52 ? -5.168  -4.535  -5.865  1.00 14.59 ? 52  TRP A CE2 1 
ATOM   384 C  CE3 . TRP A 1 52 ? -7.277  -5.709  -5.675  1.00 13.65 ? 52  TRP A CE3 1 
ATOM   385 C  CZ2 . TRP A 1 52 ? -4.442  -5.716  -5.609  1.00 13.74 ? 52  TRP A CZ2 1 
ATOM   386 C  CZ3 . TRP A 1 52 ? -6.552  -6.864  -5.391  1.00 15.43 ? 52  TRP A CZ3 1 
ATOM   387 C  CH2 . TRP A 1 52 ? -5.152  -6.859  -5.375  1.00 14.14 ? 52  TRP A CH2 1 
ATOM   388 N  N   . GLY A 1 53 ? -10.662 -0.991  -8.370  1.00 18.19 ? 53  GLY A N   1 
ATOM   389 C  CA  . GLY A 1 53 ? -11.997 -0.429  -8.281  1.00 14.69 ? 53  GLY A CA  1 
ATOM   390 C  C   . GLY A 1 53 ? -11.990 1.027   -8.657  1.00 19.89 ? 53  GLY A C   1 
ATOM   391 O  O   . GLY A 1 53 ? -10.935 1.582   -9.028  1.00 24.49 ? 53  GLY A O   1 
ATOM   392 N  N   . PRO A 1 54 ? -13.154 1.687   -8.535  1.00 22.23 ? 54  PRO A N   1 
ATOM   393 C  CA  . PRO A 1 54 ? -13.283 3.094   -8.908  1.00 22.31 ? 54  PRO A CA  1 
ATOM   394 C  C   . PRO A 1 54 ? -12.925 4.101   -7.816  1.00 22.61 ? 54  PRO A C   1 
ATOM   395 O  O   . PRO A 1 54 ? -12.858 5.289   -8.102  1.00 25.83 ? 54  PRO A O   1 
ATOM   396 C  CB  . PRO A 1 54 ? -14.768 3.215   -9.242  1.00 24.91 ? 54  PRO A CB  1 
ATOM   397 C  CG  . PRO A 1 54 ? -15.433 2.239   -8.275  1.00 20.55 ? 54  PRO A CG  1 
ATOM   398 C  CD  . PRO A 1 54 ? -14.456 1.081   -8.157  1.00 20.35 ? 54  PRO A CD  1 
ATOM   399 N  N   . VAL A 1 55 ? -12.818 3.669   -6.559  1.00 24.89 ? 55  VAL A N   1 
ATOM   400 C  CA  . VAL A 1 55 ? -12.479 4.628   -5.462  1.00 25.41 ? 55  VAL A CA  1 
ATOM   401 C  C   . VAL A 1 55 ? -10.961 4.866   -5.330  1.00 23.25 ? 55  VAL A C   1 
ATOM   402 O  O   . VAL A 1 55 ? -10.189 3.917   -5.300  1.00 21.56 ? 55  VAL A O   1 
ATOM   403 C  CB  . VAL A 1 55 ? -13.165 4.266   -4.107  1.00 28.26 ? 55  VAL A CB  1 
ATOM   404 C  CG1 . VAL A 1 55 ? -13.442 2.784   -4.022  1.00 32.57 ? 55  VAL A CG1 1 
ATOM   405 C  CG2 . VAL A 1 55 ? -12.346 4.740   -2.915  1.00 28.26 ? 55  VAL A CG2 1 
ATOM   406 N  N   . PRO A 1 56 ? -10.535 6.139   -5.441  1.00 24.55 ? 56  PRO A N   1 
ATOM   407 C  CA  . PRO A 1 56 ? -9.132  6.485   -5.457  1.00 22.76 ? 56  PRO A CA  1 
ATOM   408 C  C   . PRO A 1 56 ? -8.494  6.417   -4.049  1.00 22.12 ? 56  PRO A C   1 
ATOM   409 O  O   . PRO A 1 56 ? -9.166  6.653   -3.032  1.00 20.83 ? 56  PRO A O   1 
ATOM   410 C  CB  . PRO A 1 56 ? -9.138  7.927   -5.999  1.00 23.45 ? 56  PRO A CB  1 
ATOM   411 C  CG  . PRO A 1 56 ? -10.422 8.481   -5.569  1.00 22.30 ? 56  PRO A CG  1 
ATOM   412 C  CD  . PRO A 1 56 ? -11.393 7.338   -5.592  1.00 26.33 ? 56  PRO A CD  1 
ATOM   413 N  N   . MET A 1 57 ? -7.210  6.147   -4.054  1.00 19.12 ? 57  MET A N   1 
ATOM   414 C  CA  . MET A 1 57 ? -6.410  6.096   -2.875  1.00 16.96 ? 57  MET A CA  1 
ATOM   415 C  C   . MET A 1 57 ? -5.900  7.529   -2.997  1.00 19.18 ? 57  MET A C   1 
ATOM   416 O  O   . MET A 1 57 ? -5.370  7.915   -4.069  1.00 19.58 ? 57  MET A O   1 
ATOM   417 C  CB  . MET A 1 57 ? -5.221  5.109   -2.909  1.00 13.06 ? 57  MET A CB  1 
ATOM   418 C  CG  . MET A 1 57 ? -4.081  5.492   -1.907  1.00 10.68 ? 57  MET A CG  1 
ATOM   419 S  SD  . MET A 1 57 ? -2.877  4.176   -1.520  1.00 12.46 ? 57  MET A SD  1 
ATOM   420 C  CE  . MET A 1 57 ? -2.438  3.584   -3.197  1.00 10.42 ? 57  MET A CE  1 
ATOM   421 N  N   . PRO A 1 58 ? -5.989  8.305   -1.897  1.00 16.97 ? 58  PRO A N   1 
ATOM   422 C  CA  . PRO A 1 58 ? -5.436  9.660   -1.923  1.00 21.45 ? 58  PRO A CA  1 
ATOM   423 C  C   . PRO A 1 58 ? -3.896  9.701   -2.029  1.00 21.12 ? 58  PRO A C   1 
ATOM   424 O  O   . PRO A 1 58 ? -3.197  8.719   -1.686  1.00 20.33 ? 58  PRO A O   1 
ATOM   425 C  CB  . PRO A 1 58 ? -5.920  10.274  -0.613  1.00 21.47 ? 58  PRO A CB  1 
ATOM   426 C  CG  . PRO A 1 58 ? -6.262  9.082   0.275   1.00 20.40 ? 58  PRO A CG  1 
ATOM   427 C  CD  . PRO A 1 58 ? -6.570  7.933   -0.590  1.00 18.07 ? 58  PRO A CD  1 
ATOM   428 N  N   . PRO A 1 59 ? -3.372  10.807  -2.538  1.00 19.85 ? 59  PRO A N   1 
ATOM   429 C  CA  . PRO A 1 59 ? -1.919  10.942  -2.606  1.00 17.89 ? 59  PRO A CA  1 
ATOM   430 C  C   . PRO A 1 59 ? -1.341  11.009  -1.187  1.00 17.11 ? 59  PRO A C   1 
ATOM   431 O  O   . PRO A 1 59 ? -2.077  11.219  -0.219  1.00 16.16 ? 59  PRO A O   1 
ATOM   432 C  CB  . PRO A 1 59 ? -1.699  12.275  -3.351  1.00 21.61 ? 59  PRO A CB  1 
ATOM   433 C  CG  . PRO A 1 59 ? -3.105  12.902  -3.601  1.00 21.19 ? 59  PRO A CG  1 
ATOM   434 C  CD  . PRO A 1 59 ? -4.126  12.031  -2.914  1.00 22.53 ? 59  PRO A CD  1 
ATOM   435 N  N   . HIS A 1 60 ? -0.039  10.829  -1.056  1.00 17.46 ? 60  HIS A N   1 
ATOM   436 C  CA  . HIS A 1 60 ? 0.618   11.032  0.235   1.00 13.86 ? 60  HIS A CA  1 
ATOM   437 C  C   . HIS A 1 60 ? 1.794   11.949  0.064   1.00 15.31 ? 60  HIS A C   1 
ATOM   438 O  O   . HIS A 1 60 ? 2.912   11.502  0.108   1.00 15.98 ? 60  HIS A O   1 
ATOM   439 C  CB  . HIS A 1 60 ? 1.070   9.716   0.814   1.00 14.03 ? 60  HIS A CB  1 
ATOM   440 C  CG  . HIS A 1 60 ? -0.061  8.785   1.141   1.00 15.18 ? 60  HIS A CG  1 
ATOM   441 N  ND1 . HIS A 1 60 ? -0.619  8.701   2.397   1.00 19.04 ? 60  HIS A ND1 1 
ATOM   442 C  CD2 . HIS A 1 60 ? -0.757  7.924   0.367   1.00 15.40 ? 60  HIS A CD2 1 
ATOM   443 C  CE1 . HIS A 1 60 ? -1.591  7.802   2.388   1.00 15.90 ? 60  HIS A CE1 1 
ATOM   444 N  NE2 . HIS A 1 60 ? -1.719  7.350   1.156   1.00 19.75 ? 60  HIS A NE2 1 
ATOM   445 N  N   . PRO A 1 61 ? 1.534   13.266  -0.165  1.00 18.06 ? 61  PRO A N   1 
ATOM   446 C  CA  . PRO A 1 61 ? 2.567   14.255  -0.446  1.00 18.70 ? 61  PRO A CA  1 
ATOM   447 C  C   . PRO A 1 61 ? 3.480   14.557  0.750   1.00 18.34 ? 61  PRO A C   1 
ATOM   448 O  O   . PRO A 1 61 ? 4.598   15.021  0.567   1.00 20.08 ? 61  PRO A O   1 
ATOM   449 C  CB  . PRO A 1 61 ? 1.753   15.508  -0.845  1.00 18.50 ? 61  PRO A CB  1 
ATOM   450 C  CG  . PRO A 1 61 ? 0.539   15.387  -0.123  1.00 18.40 ? 61  PRO A CG  1 
ATOM   451 C  CD  . PRO A 1 61 ? 0.202   13.880  -0.196  1.00 17.21 ? 61  PRO A CD  1 
ATOM   452 N  N   . GLN A 1 62 ? 3.079   14.169  1.940   1.00 19.35 ? 62  GLN A N   1 
ATOM   453 C  CA  . GLN A 1 62 ? 3.905   14.485  3.116   1.00 21.47 ? 62  GLN A CA  1 
ATOM   454 C  C   . GLN A 1 62 ? 4.532   13.285  3.834   1.00 18.61 ? 62  GLN A C   1 
ATOM   455 O  O   . GLN A 1 62 ? 5.105   13.438  4.908   1.00 19.08 ? 62  GLN A O   1 
ATOM   456 C  CB  . GLN A 1 62 ? 3.139   15.368  4.090   1.00 22.68 ? 62  GLN A CB  1 
ATOM   457 C  CG  . GLN A 1 62 ? 2.722   16.679  3.471   1.00 27.63 ? 62  GLN A CG  1 
ATOM   458 C  CD  . GLN A 1 62 ? 1.847   17.508  4.387   1.00 31.82 ? 62  GLN A CD  1 
ATOM   459 O  OE1 . GLN A 1 62 ? 0.623   17.277  4.493   1.00 30.26 ? 62  GLN A OE1 1 
ATOM   460 N  NE2 . GLN A 1 62 ? 2.467   18.467  5.087   1.00 30.40 ? 62  GLN A NE2 1 
ATOM   461 N  N   . VAL A 1 63 ? 4.474   12.114  3.220   1.00 16.16 ? 63  VAL A N   1 
ATOM   462 C  CA  . VAL A 1 63 ? 5.066   10.907  3.826   1.00 16.00 ? 63  VAL A CA  1 
ATOM   463 C  C   . VAL A 1 63 ? 6.308   10.629  3.037   1.00 16.74 ? 63  VAL A C   1 
ATOM   464 O  O   . VAL A 1 63 ? 6.289   10.729  1.803   1.00 13.29 ? 63  VAL A O   1 
ATOM   465 C  CB  . VAL A 1 63 ? 4.067   9.671   3.792   1.00 16.56 ? 63  VAL A CB  1 
ATOM   466 C  CG1 . VAL A 1 63 ? 4.709   8.375   4.428   1.00 12.95 ? 63  VAL A CG1 1 
ATOM   467 C  CG2 . VAL A 1 63 ? 2.775   10.027  4.504   1.00 15.10 ? 63  VAL A CG2 1 
ATOM   468 N  N   . ALA A 1 64 ? 7.428   10.454  3.740   1.00 15.54 ? 64  ALA A N   1 
ATOM   469 C  CA  . ALA A 1 64 ? 8.709   10.305  3.081   1.00 15.46 ? 64  ALA A CA  1 
ATOM   470 C  C   . ALA A 1 64 ? 8.633   9.089   2.201   1.00 18.18 ? 64  ALA A C   1 
ATOM   471 O  O   . ALA A 1 64 ? 8.149   8.002   2.626   1.00 16.08 ? 64  ALA A O   1 
ATOM   472 C  CB  . ALA A 1 64 ? 9.891   10.170  4.117   1.00 14.76 ? 64  ALA A CB  1 
ATOM   473 N  N   . GLU A 1 65 ? 9.099   9.262   0.978   1.00 13.67 ? 65  GLU A N   1 
ATOM   474 C  CA  . GLU A 1 65 ? 9.243   8.183   0.050   1.00 18.83 ? 65  GLU A CA  1 
ATOM   475 C  C   . GLU A 1 65 ? 10.049  6.974   0.616   1.00 17.90 ? 65  GLU A C   1 
ATOM   476 O  O   . GLU A 1 65 ? 9.694   5.805   0.377   1.00 14.00 ? 65  GLU A O   1 
ATOM   477 C  CB  . GLU A 1 65 ? 9.831   8.739   -1.241  1.00 23.38 ? 65  GLU A CB  1 
ATOM   478 C  CG  . GLU A 1 65 ? 10.308  7.696   -2.210  1.00 34.46 ? 65  GLU A CG  1 
ATOM   479 C  CD  . GLU A 1 65 ? 10.582  8.281   -3.588  1.00 36.33 ? 65  GLU A CD  1 
ATOM   480 O  OE1 . GLU A 1 65 ? 11.640  7.938   -4.175  1.00 40.08 ? 65  GLU A OE1 1 
ATOM   481 O  OE2 . GLU A 1 65 ? 9.758   9.117   -4.045  1.00 36.05 ? 65  GLU A OE2 1 
ATOM   482 N  N   . ALA A 1 66 ? 11.013  7.252   1.496   1.00 17.77 ? 66  ALA A N   1 
ATOM   483 C  CA  . ALA A 1 66 ? 11.749  6.184   2.183   1.00 13.31 ? 66  ALA A CA  1 
ATOM   484 C  C   . ALA A 1 66 ? 10.847  5.373   3.079   1.00 14.57 ? 66  ALA A C   1 
ATOM   485 O  O   . ALA A 1 66 ? 11.017  4.160   3.203   1.00 17.46 ? 66  ALA A O   1 
ATOM   486 C  CB  . ALA A 1 66 ? 12.868  6.771   2.977   1.00 15.77 ? 66  ALA A CB  1 
ATOM   487 N  N   . ASP A 1 67 ? 9.883   6.034   3.719   1.00 11.76 ? 67  ASP A N   1 
ATOM   488 C  CA  . ASP A 1 67 ? 8.944   5.331   4.575   1.00 14.59 ? 67  ASP A CA  1 
ATOM   489 C  C   . ASP A 1 67 ? 7.973   4.547   3.782   1.00 14.94 ? 67  ASP A C   1 
ATOM   490 O  O   . ASP A 1 67 ? 7.706   3.393   4.112   1.00 13.75 ? 67  ASP A O   1 
ATOM   491 C  CB  . ASP A 1 67 ? 8.189   6.285   5.455   1.00 17.97 ? 67  ASP A CB  1 
ATOM   492 C  CG  . ASP A 1 67 ? 9.071   6.884   6.538   1.00 20.73 ? 67  ASP A CG  1 
ATOM   493 O  OD1 . ASP A 1 67 ? 10.176  6.362   6.766   1.00 17.88 ? 67  ASP A OD1 1 
ATOM   494 O  OD2 . ASP A 1 67 ? 8.625   7.846   7.178   1.00 26.10 ? 67  ASP A OD2 1 
ATOM   495 N  N   . ILE A 1 68 ? 7.451   5.151   2.711   1.00 11.15 ? 68  ILE A N   1 
ATOM   496 C  CA  . ILE A 1 68 ? 6.543   4.438   1.850   1.00 16.22 ? 68  ILE A CA  1 
ATOM   497 C  C   . ILE A 1 68 ? 7.203   3.139   1.347   1.00 14.16 ? 68  ILE A C   1 
ATOM   498 O  O   . ILE A 1 68 ? 6.606   2.073   1.408   1.00 17.48 ? 68  ILE A O   1 
ATOM   499 C  CB  . ILE A 1 68 ? 6.090   5.291   0.646   1.00 14.83 ? 68  ILE A CB  1 
ATOM   500 C  CG1 . ILE A 1 68 ? 5.261   6.475   1.133   1.00 12.22 ? 68  ILE A CG1 1 
ATOM   501 C  CG2 . ILE A 1 68 ? 5.281   4.431   -0.301  1.00 16.24 ? 68  ILE A CG2 1 
ATOM   502 C  CD1 . ILE A 1 68 ? 4.937   7.485   0.038   1.00 12.87 ? 68  ILE A CD1 1 
ATOM   503 N  N   . GLU A 1 69 ? 8.440   3.229   0.863   1.00 14.35 ? 69  GLU A N   1 
ATOM   504 C  CA  . GLU A 1 69 ? 9.101   2.027   0.325   1.00 17.35 ? 69  GLU A CA  1 
ATOM   505 C  C   . GLU A 1 69 ? 9.275   0.920   1.380   1.00 16.90 ? 69  GLU A C   1 
ATOM   506 O  O   . GLU A 1 69 ? 9.035   -0.235  1.110   1.00 19.04 ? 69  GLU A O   1 
ATOM   507 C  CB  . GLU A 1 69 ? 10.438  2.383   -0.300  1.00 17.83 ? 69  GLU A CB  1 
ATOM   508 C  CG  . GLU A 1 69 ? 11.157  1.210   -0.964  1.00 18.37 ? 69  GLU A CG  1 
ATOM   509 C  CD  . GLU A 1 69 ? 12.580  1.566   -1.341  1.00 19.55 ? 69  GLU A CD  1 
ATOM   510 O  OE1 . GLU A 1 69 ? 13.393  0.663   -1.515  1.00 21.59 ? 69  GLU A OE1 1 
ATOM   511 O  OE2 . GLU A 1 69 ? 12.889  2.754   -1.372  1.00 22.42 ? 69  GLU A OE2 1 
ATOM   512 N  N   . LYS A 1 70 ? 9.690   1.293   2.574   1.00 17.02 ? 70  LYS A N   1 
ATOM   513 C  CA  . LYS A 1 70 ? 9.668   0.390   3.721   1.00 19.87 ? 70  LYS A CA  1 
ATOM   514 C  C   . LYS A 1 70 ? 8.300   -0.349  3.891   1.00 16.19 ? 70  LYS A C   1 
ATOM   515 O  O   . LYS A 1 70 ? 8.263   -1.555  4.109   1.00 16.52 ? 70  LYS A O   1 
ATOM   516 C  CB  . LYS A 1 70 ? 9.992   1.194   4.984   1.00 25.75 ? 70  LYS A CB  1 
ATOM   517 C  CG  . LYS A 1 70 ? 10.685  0.445   6.084   1.00 30.43 ? 70  LYS A CG  1 
ATOM   518 C  CD  . LYS A 1 70 ? 11.613  1.439   6.922   1.00 33.75 ? 70  LYS A CD  1 
ATOM   519 C  CE  . LYS A 1 70 ? 12.202  0.779   8.194   1.00 34.73 ? 70  LYS A CE  1 
ATOM   520 N  NZ  . LYS A 1 70 ? 11.427  -0.451  8.683   1.00 38.09 ? 70  LYS A NZ  1 
ATOM   521 N  N   . ILE A 1 71 ? 7.190   0.385   3.861   1.00 14.81 ? 71  ILE A N   1 
ATOM   522 C  CA  . ILE A 1 71 ? 5.888   -0.240  4.112   1.00 12.56 ? 71  ILE A CA  1 
ATOM   523 C  C   . ILE A 1 71 ? 5.611   -1.195  2.953   1.00 12.45 ? 71  ILE A C   1 
ATOM   524 O  O   . ILE A 1 71 ? 5.318   -2.370  3.160   1.00 15.27 ? 71  ILE A O   1 
ATOM   525 C  CB  . ILE A 1 71 ? 4.775   0.790   4.254   1.00 12.70 ? 71  ILE A CB  1 
ATOM   526 C  CG1 . ILE A 1 71 ? 5.007   1.678   5.511   1.00 10.38 ? 71  ILE A CG1 1 
ATOM   527 C  CG2 . ILE A 1 71 ? 3.344   0.069   4.265   1.00 13.01 ? 71  ILE A CG2 1 
ATOM   528 C  CD1 . ILE A 1 71 ? 4.194   3.084   5.466   1.00 8.56  ? 71  ILE A CD1 1 
ATOM   529 N  N   . VAL A 1 72 ? 5.914   -0.744  1.744   1.00 13.99 ? 72  VAL A N   1 
ATOM   530 C  CA  . VAL A 1 72 ? 5.620   -1.532  0.579   1.00 12.98 ? 72  VAL A CA  1 
ATOM   531 C  C   . VAL A 1 72 ? 6.418   -2.843  0.529   1.00 15.79 ? 72  VAL A C   1 
ATOM   532 O  O   . VAL A 1 72 ? 5.855   -3.921  0.264   1.00 17.81 ? 72  VAL A O   1 
ATOM   533 C  CB  . VAL A 1 72 ? 5.753   -0.728  -0.719  1.00 13.62 ? 72  VAL A CB  1 
ATOM   534 C  CG1 . VAL A 1 72 ? 5.867   -1.667  -1.901  1.00 13.57 ? 72  VAL A CG1 1 
ATOM   535 C  CG2 . VAL A 1 72 ? 4.502   0.240   -0.906  1.00 11.66 ? 72  VAL A CG2 1 
ATOM   536 N  N   . ARG A 1 73 ? 7.694   -2.800  0.888   1.00 17.62 ? 73  ARG A N   1 
ATOM   537 C  CA  . ARG A 1 73 ? 8.475   -4.048  0.871   1.00 16.53 ? 73  ARG A CA  1 
ATOM   538 C  C   . ARG A 1 73 ? 7.953   -5.012  1.924   1.00 16.65 ? 73  ARG A C   1 
ATOM   539 O  O   . ARG A 1 73 ? 7.942   -6.213  1.714   1.00 18.91 ? 73  ARG A O   1 
ATOM   540 C  CB  . ARG A 1 73 ? 9.978   -3.776  1.023   1.00 16.61 ? 73  ARG A CB  1 
ATOM   541 C  CG  . ARG A 1 73 ? 10.566  -3.059  -0.164  1.00 16.23 ? 73  ARG A CG  1 
ATOM   542 C  CD  . ARG A 1 73 ? 12.150  -2.969  -0.103  1.00 16.97 ? 73  ARG A CD  1 
ATOM   543 N  NE  . ARG A 1 73 ? 12.680  -2.189  -1.224  1.00 18.89 ? 73  ARG A NE  1 
ATOM   544 C  CZ  . ARG A 1 73 ? 12.946  -2.694  -2.432  1.00 19.81 ? 73  ARG A CZ  1 
ATOM   545 N  NH1 . ARG A 1 73 ? 12.798  -3.979  -2.651  1.00 17.91 ? 73  ARG A NH1 1 
ATOM   546 N  NH2 . ARG A 1 73 ? 13.418  -1.915  -3.405  1.00 23.48 ? 73  ARG A NH2 1 
ATOM   547 N  N   . TRP A 1 74 ? 7.445   -4.475  3.032   1.00 16.06 ? 74  TRP A N   1 
ATOM   548 C  CA  . TRP A 1 74 ? 6.868   -5.311  4.070   1.00 16.04 ? 74  TRP A CA  1 
ATOM   549 C  C   . TRP A 1 74 ? 5.524   -5.952  3.619   1.00 15.32 ? 74  TRP A C   1 
ATOM   550 O  O   . TRP A 1 74 ? 5.335   -7.141  3.765   1.00 16.66 ? 74  TRP A O   1 
ATOM   551 C  CB  . TRP A 1 74 ? 6.705   -4.528  5.376   1.00 17.13 ? 74  TRP A CB  1 
ATOM   552 C  CG  . TRP A 1 74 ? 5.805   -5.201  6.329   1.00 16.11 ? 74  TRP A CG  1 
ATOM   553 C  CD1 . TRP A 1 74 ? 6.065   -6.336  7.035   1.00 15.78 ? 74  TRP A CD1 1 
ATOM   554 C  CD2 . TRP A 1 74 ? 4.421   -4.876  6.586   1.00 17.26 ? 74  TRP A CD2 1 
ATOM   555 N  NE1 . TRP A 1 74 ? 4.965   -6.697  7.770   1.00 16.85 ? 74  TRP A NE1 1 
ATOM   556 C  CE2 . TRP A 1 74 ? 3.937   -5.819  7.501   1.00 17.38 ? 74  TRP A CE2 1 
ATOM   557 C  CE3 . TRP A 1 74 ? 3.556   -3.885  6.116   1.00 14.94 ? 74  TRP A CE3 1 
ATOM   558 C  CZ2 . TRP A 1 74 ? 2.626   -5.818  7.936   1.00 18.20 ? 74  TRP A CZ2 1 
ATOM   559 C  CZ3 . TRP A 1 74 ? 2.287   -3.860  6.555   1.00 17.03 ? 74  TRP A CZ3 1 
ATOM   560 C  CH2 . TRP A 1 74 ? 1.820   -4.802  7.489   1.00 18.42 ? 74  TRP A CH2 1 
ATOM   561 N  N   . VAL A 1 75 ? 4.593   -5.141  3.109   1.00 14.25 ? 75  VAL A N   1 
ATOM   562 C  CA  . VAL A 1 75 ? 3.375   -5.664  2.488   1.00 12.04 ? 75  VAL A CA  1 
ATOM   563 C  C   . VAL A 1 75 ? 3.668   -6.881  1.615   1.00 14.29 ? 75  VAL A C   1 
ATOM   564 O  O   . VAL A 1 75 ? 2.949   -7.903  1.677   1.00 17.62 ? 75  VAL A O   1 
ATOM   565 C  CB  . VAL A 1 75 ? 2.668   -4.592  1.653   1.00 10.78 ? 75  VAL A CB  1 
ATOM   566 C  CG1 . VAL A 1 75 ? 1.574   -5.227  0.738   1.00 9.88  ? 75  VAL A CG1 1 
ATOM   567 C  CG2 . VAL A 1 75 ? 2.041   -3.566  2.576   1.00 9.42  ? 75  VAL A CG2 1 
ATOM   568 N  N   . LEU A 1 76 ? 4.738   -6.823  0.828   1.00 16.98 ? 76  LEU A N   1 
ATOM   569 C  CA  . LEU A 1 76 ? 4.941   -7.867  -0.167  1.00 18.89 ? 76  LEU A CA  1 
ATOM   570 C  C   . LEU A 1 76 ? 5.414   -9.199  0.427   1.00 19.59 ? 76  LEU A C   1 
ATOM   571 O  O   . LEU A 1 76 ? 5.413   -10.230 -0.255  1.00 19.51 ? 76  LEU A O   1 
ATOM   572 C  CB  . LEU A 1 76 ? 5.869   -7.423  -1.286  1.00 17.39 ? 76  LEU A CB  1 
ATOM   573 C  CG  . LEU A 1 76 ? 5.461   -6.303  -2.224  1.00 20.70 ? 76  LEU A CG  1 
ATOM   574 C  CD1 . LEU A 1 76 ? 6.623   -5.966  -3.132  1.00 18.13 ? 76  LEU A CD1 1 
ATOM   575 C  CD2 . LEU A 1 76 ? 4.217   -6.614  -3.031  1.00 19.16 ? 76  LEU A CD2 1 
ATOM   576 N  N   . THR A 1 77 ? 5.855   -9.178  1.672   1.00 21.42 ? 77  THR A N   1 
ATOM   577 C  CA  . THR A 1 77 ? 6.283   -10.415 2.343   1.00 21.50 ? 77  THR A CA  1 
ATOM   578 C  C   . THR A 1 77 ? 5.131   -11.185 3.017   1.00 21.89 ? 77  THR A C   1 
ATOM   579 O  O   . THR A 1 77 ? 5.347   -12.274 3.514   1.00 24.96 ? 77  THR A O   1 
ATOM   580 C  CB  . THR A 1 77 ? 7.368   -10.130 3.419   1.00 22.32 ? 77  THR A CB  1 
ATOM   581 O  OG1 . THR A 1 77 ? 6.764   -9.438  4.520   1.00 24.35 ? 77  THR A OG1 1 
ATOM   582 C  CG2 . THR A 1 77 ? 8.486   -9.283  2.845   1.00 19.30 ? 77  THR A CG2 1 
ATOM   583 N  N   . LEU A 1 78 ? 3.927   -10.604 3.069   1.00 22.12 ? 78  LEU A N   1 
ATOM   584 C  CA  . LEU A 1 78 ? 2.759   -11.264 3.706   1.00 25.49 ? 78  LEU A CA  1 
ATOM   585 C  C   . LEU A 1 78 ? 2.196   -12.316 2.813   1.00 31.54 ? 78  LEU A C   1 
ATOM   586 O  O   . LEU A 1 78 ? 1.240   -12.073 2.107   1.00 34.07 ? 78  LEU A O   1 
ATOM   587 C  CB  . LEU A 1 78 ? 1.654   -10.258 4.033   1.00 21.29 ? 78  LEU A CB  1 
ATOM   588 C  CG  . LEU A 1 78 ? 2.188   -9.029  4.757   1.00 25.18 ? 78  LEU A CG  1 
ATOM   589 C  CD1 . LEU A 1 78 ? 1.146   -7.961  4.911   1.00 22.30 ? 78  LEU A CD1 1 
ATOM   590 C  CD2 . LEU A 1 78 ? 2.801   -9.461  6.125   1.00 25.58 ? 78  LEU A CD2 1 
ATOM   591 N  N   . LYS A 1 79 ? 2.781   -13.501 2.853   1.00 40.49 ? 79  LYS A N   1 
ATOM   592 C  CA  . LYS A 1 79 ? 2.180   -14.669 2.201   1.00 50.05 ? 79  LYS A CA  1 
ATOM   593 C  C   . LYS A 1 79 ? 1.700   -15.705 3.230   1.00 54.49 ? 79  LYS A C   1 
ATOM   594 O  O   . LYS A 1 79 ? 1.732   -15.452 4.455   1.00 54.48 ? 79  LYS A O   1 
ATOM   595 C  CB  . LYS A 1 79 ? 3.153   -15.293 1.196   1.00 51.91 ? 79  LYS A CB  1 
ATOM   596 C  CG  . LYS A 1 79 ? 3.136   -14.587 -0.177  1.00 56.03 ? 79  LYS A CG  1 
ATOM   597 C  CD  . LYS A 1 79 ? 4.532   -14.036 -0.558  1.00 60.86 ? 79  LYS A CD  1 
ATOM   598 C  CE  . LYS A 1 79 ? 5.692   -14.952 -0.029  1.00 64.62 ? 79  LYS A CE  1 
ATOM   599 N  NZ  . LYS A 1 79 ? 6.959   -14.880 -0.869  1.00 65.42 ? 79  LYS A NZ  1 
ATOM   600 O  OXT . LYS A 1 79 ? 1.225   -16.793 2.860   1.00 57.85 ? 79  LYS A OXT 1 
HETATM 601 FE FE  . HEC B 2 .  ? -3.800  2.352   -0.232  1.00 11.91 ? 80  HEC A FE  1 
HETATM 602 C  CHA . HEC B 2 .  ? -4.367  0.729   -3.206  1.00 11.86 ? 80  HEC A CHA 1 
HETATM 603 C  CHB . HEC B 2 .  ? -0.759  0.915   0.059   1.00 10.74 ? 80  HEC A CHB 1 
HETATM 604 C  CHC . HEC B 2 .  ? -3.133  4.435   2.393   1.00 11.06 ? 80  HEC A CHC 1 
HETATM 605 C  CHD . HEC B 2 .  ? -7.113  3.383   -0.200  1.00 12.82 ? 80  HEC A CHD 1 
HETATM 606 N  NA  . HEC B 2 .  ? -2.786  1.083   -1.315  1.00 11.97 ? 80  HEC A NA  1 
HETATM 607 C  C1A . HEC B 2 .  ? -3.184  0.504   -2.533  1.00 12.05 ? 80  HEC A C1A 1 
HETATM 608 C  C2A . HEC B 2 .  ? -2.125  -0.360  -3.000  1.00 10.27 ? 80  HEC A C2A 1 
HETATM 609 C  C3A . HEC B 2 .  ? -1.136  -0.355  -2.081  1.00 11.62 ? 80  HEC A C3A 1 
HETATM 610 C  C4A . HEC B 2 .  ? -1.524  0.572   -1.017  1.00 12.45 ? 80  HEC A C4A 1 
HETATM 611 C  CMA . HEC B 2 .  ? 0.218   -1.128  -2.149  1.00 5.99  ? 80  HEC A CMA 1 
HETATM 612 C  CAA . HEC B 2 .  ? -2.183  -1.203  -4.310  1.00 12.02 ? 80  HEC A CAA 1 
HETATM 613 C  CBA . HEC B 2 .  ? -1.765  -0.276  -5.451  1.00 12.50 ? 80  HEC A CBA 1 
HETATM 614 C  CGA . HEC B 2 .  ? -2.078  -0.868  -6.798  1.00 15.39 ? 80  HEC A CGA 1 
HETATM 615 O  O1A . HEC B 2 .  ? -2.318  -2.091  -6.896  1.00 17.20 ? 80  HEC A O1A 1 
HETATM 616 O  O2A . HEC B 2 .  ? -2.044  -0.108  -7.782  1.00 15.03 ? 80  HEC A O2A 1 
HETATM 617 N  NB  . HEC B 2 .  ? -2.248  2.653   0.989   1.00 11.04 ? 80  HEC A NB  1 
HETATM 618 C  C1B . HEC B 2 .  ? -1.060  1.953   0.929   1.00 12.09 ? 80  HEC A C1B 1 
HETATM 619 C  C2B . HEC B 2 .  ? -0.146  2.545   1.869   1.00 11.88 ? 80  HEC A C2B 1 
HETATM 620 C  C3B . HEC B 2 .  ? -0.806  3.506   2.540   1.00 10.44 ? 80  HEC A C3B 1 
HETATM 621 C  C4B . HEC B 2 .  ? -2.126  3.615   1.953   1.00 10.56 ? 80  HEC A C4B 1 
HETATM 622 C  CMB . HEC B 2 .  ? 1.259   1.968   2.139   1.00 9.61  ? 80  HEC A CMB 1 
HETATM 623 C  CAB . HEC B 2 .  ? -0.313  4.385   3.739   1.00 10.57 ? 80  HEC A CAB 1 
HETATM 624 C  CBB . HEC B 2 .  ? 0.988   5.147   3.394   1.00 9.24  ? 80  HEC A CBB 1 
HETATM 625 N  NC  . HEC B 2 .  ? -4.905  3.618   0.869   1.00 11.79 ? 80  HEC A NC  1 
HETATM 626 C  C1C . HEC B 2 .  ? -4.432  4.388   1.939   1.00 13.12 ? 80  HEC A C1C 1 
HETATM 627 C  C2C . HEC B 2 .  ? -5.542  5.089   2.541   1.00 12.90 ? 80  HEC A C2C 1 
HETATM 628 C  C3C . HEC B 2 .  ? -6.605  4.948   1.690   1.00 13.01 ? 80  HEC A C3C 1 
HETATM 629 C  C4C . HEC B 2 .  ? -6.243  3.924   0.728   1.00 13.55 ? 80  HEC A C4C 1 
HETATM 630 C  CMC . HEC B 2 .  ? -5.312  6.208   3.581   1.00 13.11 ? 80  HEC A CMC 1 
HETATM 631 C  CAC . HEC B 2 .  ? -8.096  5.451   1.804   1.00 12.03 ? 80  HEC A CAC 1 
HETATM 632 C  CBC . HEC B 2 .  ? -8.355  6.818   2.450   1.00 13.32 ? 80  HEC A CBC 1 
HETATM 633 N  ND  . HEC B 2 .  ? -5.515  2.124   -1.558  1.00 14.91 ? 80  HEC A ND  1 
HETATM 634 C  C1D . HEC B 2 .  ? -6.758  2.688   -1.334  1.00 15.43 ? 80  HEC A C1D 1 
HETATM 635 C  C2D . HEC B 2 .  ? -7.635  2.335   -2.425  1.00 15.98 ? 80  HEC A C2D 1 
HETATM 636 C  C3D . HEC B 2 .  ? -6.782  1.482   -3.332  1.00 14.91 ? 80  HEC A C3D 1 
HETATM 637 C  C4D . HEC B 2 .  ? -5.483  1.400   -2.711  1.00 14.62 ? 80  HEC A C4D 1 
HETATM 638 C  CMD . HEC B 2 .  ? -9.102  2.762   -2.595  1.00 12.15 ? 80  HEC A CMD 1 
HETATM 639 C  CAD . HEC B 2 .  ? -7.152  0.889   -4.683  1.00 13.66 ? 80  HEC A CAD 1 
HETATM 640 C  CBD . HEC B 2 .  ? -6.640  1.856   -5.734  1.00 16.42 ? 80  HEC A CBD 1 
HETATM 641 C  CGD . HEC B 2 .  ? -6.982  1.266   -7.092  1.00 17.14 ? 80  HEC A CGD 1 
HETATM 642 O  O1D . HEC B 2 .  ? -8.084  0.680   -7.190  1.00 16.12 ? 80  HEC A O1D 1 
HETATM 643 O  O2D . HEC B 2 .  ? -6.154  1.381   -8.061  1.00 17.67 ? 80  HEC A O2D 1 
HETATM 644 O  O   . HOH C 3 .  ? -2.439  7.272   4.955   1.00 9.13  ? 81  HOH A O   1 
HETATM 645 O  O   . HOH C 3 .  ? -10.476 1.217   -5.657  1.00 8.87  ? 82  HOH A O   1 
HETATM 646 O  O   . HOH C 3 .  ? -8.151  -4.108  3.233   1.00 17.97 ? 83  HOH A O   1 
HETATM 647 O  O   . HOH C 3 .  ? -8.842  -7.562  -0.932  1.00 16.13 ? 84  HOH A O   1 
HETATM 648 O  O   . HOH C 3 .  ? -5.802  7.432   7.248   1.00 16.52 ? 85  HOH A O   1 
HETATM 649 O  O   . HOH C 3 .  ? -3.298  3.676   10.343  1.00 10.55 ? 86  HOH A O   1 
HETATM 650 O  O   . HOH C 3 .  ? 12.077  -5.933  -1.220  1.00 28.04 ? 87  HOH A O   1 
HETATM 651 O  O   . HOH C 3 .  ? 12.872  -4.621  -5.860  1.00 29.15 ? 88  HOH A O   1 
HETATM 652 O  O   . HOH C 3 .  ? -13.832 0.188   -2.093  1.00 24.14 ? 89  HOH A O   1 
HETATM 653 O  O   . HOH C 3 .  ? 9.507   -7.370  -0.490  1.00 24.31 ? 90  HOH A O   1 
HETATM 654 O  O   . HOH C 3 .  ? 2.962   -12.325 -6.249  1.00 30.77 ? 91  HOH A O   1 
HETATM 655 O  O   . HOH C 3 .  ? -7.573  -10.985 1.902   1.00 24.00 ? 92  HOH A O   1 
HETATM 656 O  O   . HOH C 3 .  ? -3.685  10.384  2.233   1.00 23.43 ? 93  HOH A O   1 
HETATM 657 O  O   . HOH C 3 .  ? 7.273   10.292  6.689   1.00 14.36 ? 94  HOH A O   1 
HETATM 658 O  O   . HOH C 3 .  ? 4.921   -10.521 -3.092  1.00 16.58 ? 95  HOH A O   1 
HETATM 659 O  O   . HOH C 3 .  ? 8.098   -1.492  -10.838 1.00 21.83 ? 96  HOH A O   1 
HETATM 660 O  O   . HOH C 3 .  ? 3.651   11.712  7.665   1.00 27.15 ? 97  HOH A O   1 
HETATM 661 O  O   . HOH C 3 .  ? 2.667   2.282   15.281  1.00 19.96 ? 98  HOH A O   1 
HETATM 662 O  O   . HOH C 3 .  ? -3.401  14.167  0.420   1.00 19.75 ? 99  HOH A O   1 
HETATM 663 O  O   . HOH C 3 .  ? 9.579   -9.744  -1.676  1.00 22.64 ? 100 HOH A O   1 
HETATM 664 O  O   . HOH C 3 .  ? -6.572  -2.380  9.597   1.00 28.47 ? 101 HOH A O   1 
HETATM 665 O  O   . HOH C 3 .  ? -4.995  -6.191  9.960   1.00 26.48 ? 102 HOH A O   1 
HETATM 666 O  O   . HOH C 3 .  ? 13.485  2.699   2.785   1.00 16.37 ? 103 HOH A O   1 
HETATM 667 O  O   . HOH C 3 .  ? -6.279  -16.772 -2.194  1.00 24.97 ? 104 HOH A O   1 
HETATM 668 O  O   . HOH C 3 .  ? 5.767   -5.467  11.321  1.00 31.81 ? 105 HOH A O   1 
HETATM 669 O  O   . HOH C 3 .  ? 1.299   21.284  5.342   1.00 38.85 ? 106 HOH A O   1 
HETATM 670 O  O   . HOH C 3 .  ? -10.615 -0.780  -3.517  1.00 18.99 ? 107 HOH A O   1 
HETATM 671 O  O   . HOH C 3 .  ? 6.121   -3.722  13.311  0.50 18.28 ? 108 HOH A O   1 
HETATM 672 O  O   . HOH C 3 .  ? 3.431   -7.402  11.656  1.00 37.27 ? 109 HOH A O   1 
HETATM 673 O  O   . HOH C 3 .  ? 11.506  2.633   -5.511  1.00 33.69 ? 110 HOH A O   1 
HETATM 674 O  O   . HOH C 3 .  ? -6.225  10.200  -5.545  1.00 28.85 ? 111 HOH A O   1 
# 
